data_2GUN
# 
_entry.id   2GUN 
# 
_audit_conform.dict_name       mmcif_pdbx.dic 
_audit_conform.dict_version    5.387 
_audit_conform.dict_location   http://mmcif.pdb.org/dictionaries/ascii/mmcif_pdbx.dic 
# 
loop_
_database_2.database_id 
_database_2.database_code 
_database_2.pdbx_database_accession 
_database_2.pdbx_DOI 
PDB   2GUN         pdb_00002gun 10.2210/pdb2gun/pdb 
NDB   AH0021       ?            ?                   
RCSB  RCSB037570   ?            ?                   
WWPDB D_1000037570 ?            ?                   
# 
loop_
_pdbx_audit_revision_history.ordinal 
_pdbx_audit_revision_history.data_content_type 
_pdbx_audit_revision_history.major_revision 
_pdbx_audit_revision_history.minor_revision 
_pdbx_audit_revision_history.revision_date 
1 'Structure model' 1 0 2006-08-01 
2 'Structure model' 1 1 2008-05-01 
3 'Structure model' 1 2 2011-07-13 
4 'Structure model' 1 3 2017-10-18 
5 'Structure model' 1 4 2024-02-14 
# 
_pdbx_audit_revision_details.ordinal             1 
_pdbx_audit_revision_details.revision_ordinal    1 
_pdbx_audit_revision_details.data_content_type   'Structure model' 
_pdbx_audit_revision_details.provider            repository 
_pdbx_audit_revision_details.type                'Initial release' 
_pdbx_audit_revision_details.description         ? 
_pdbx_audit_revision_details.details             ? 
# 
loop_
_pdbx_audit_revision_group.ordinal 
_pdbx_audit_revision_group.revision_ordinal 
_pdbx_audit_revision_group.data_content_type 
_pdbx_audit_revision_group.group 
1 2 'Structure model' 'Version format compliance' 
2 3 'Structure model' 'Version format compliance' 
3 4 'Structure model' 'Refinement description'    
4 5 'Structure model' 'Data collection'           
5 5 'Structure model' 'Database references'       
6 5 'Structure model' 'Derived calculations'      
# 
loop_
_pdbx_audit_revision_category.ordinal 
_pdbx_audit_revision_category.revision_ordinal 
_pdbx_audit_revision_category.data_content_type 
_pdbx_audit_revision_category.category 
1 4 'Structure model' software       
2 5 'Structure model' chem_comp_atom 
3 5 'Structure model' chem_comp_bond 
4 5 'Structure model' database_2     
5 5 'Structure model' struct_conn    
6 5 'Structure model' struct_site    
# 
loop_
_pdbx_audit_revision_item.ordinal 
_pdbx_audit_revision_item.revision_ordinal 
_pdbx_audit_revision_item.data_content_type 
_pdbx_audit_revision_item.item 
1 5 'Structure model' '_database_2.pdbx_DOI'                
2 5 'Structure model' '_database_2.pdbx_database_accession' 
3 5 'Structure model' '_struct_conn.pdbx_leaving_atom_flag' 
4 5 'Structure model' '_struct_site.pdbx_auth_asym_id'      
5 5 'Structure model' '_struct_site.pdbx_auth_comp_id'      
6 5 'Structure model' '_struct_site.pdbx_auth_seq_id'       
# 
_pdbx_database_status.status_code                     REL 
_pdbx_database_status.entry_id                        2GUN 
_pdbx_database_status.recvd_initial_deposition_date   2006-05-01 
_pdbx_database_status.deposit_site                    RCSB 
_pdbx_database_status.process_site                    RCSB 
_pdbx_database_status.status_code_sf                  REL 
_pdbx_database_status.status_code_mr                  ? 
_pdbx_database_status.SG_entry                        ? 
_pdbx_database_status.pdb_format_compatible           Y 
_pdbx_database_status.status_code_cs                  ? 
_pdbx_database_status.methods_development_category    ? 
_pdbx_database_status.status_code_nmr_data            ? 
# 
loop_
_audit_author.name 
_audit_author.pdbx_ordinal 
'Pallan, P.S.' 1 
'Egli, M.'     2 
# 
_citation.id                        primary 
_citation.title                     
'RNA-Binding Affinities and Crystal Structure of Oligonucleotides Containing Five-Atom Amide-Based Backbone Structures.' 
_citation.journal_abbrev            Biochemistry 
_citation.journal_volume            45 
_citation.page_first                8048 
_citation.page_last                 8057 
_citation.year                      2006 
_citation.journal_id_ASTM           BICHAW 
_citation.country                   US 
_citation.journal_id_ISSN           0006-2960 
_citation.journal_id_CSD            0033 
_citation.book_publisher            ? 
_citation.pdbx_database_id_PubMed   16800629 
_citation.pdbx_database_id_DOI      10.1021/bi060354o 
# 
loop_
_citation_author.citation_id 
_citation_author.name 
_citation_author.ordinal 
_citation_author.identifier_ORCID 
primary 'Pallan, P.S.'   1 ? 
primary 'von Matt, P.'   2 ? 
primary 'Wilds, C.J.'    3 ? 
primary 'Altmann, K.-H.' 4 ? 
primary 'Egli, M.'       5 ? 
# 
loop_
_entity.id 
_entity.type 
_entity.src_method 
_entity.pdbx_description 
_entity.formula_weight 
_entity.pdbx_number_of_molecules 
_entity.pdbx_ec 
_entity.pdbx_mutation 
_entity.pdbx_fragment 
_entity.details 
1 polymer     syn "5'-D(*TP*TP*CP*(T2T)P*(CBR)P*TP*TP*C)-3'" 2745.793 1  ? ? ? ? 
2 polymer     syn "5'-R(*GP*AP*AP*GP*AP*AP*GP*AP*A)-3'"      2965.895 1  ? ? ? ? 
3 non-polymer syn 'COBALT (III) ION'                         58.933   2  ? ? ? ? 
4 non-polymer syn SPERMINE                                   202.340  1  ? ? ? ? 
5 water       nat water                                      18.015   17 ? ? ? ? 
# 
loop_
_entity_poly.entity_id 
_entity_poly.type 
_entity_poly.nstd_linkage 
_entity_poly.nstd_monomer 
_entity_poly.pdbx_seq_one_letter_code 
_entity_poly.pdbx_seq_one_letter_code_can 
_entity_poly.pdbx_strand_id 
_entity_poly.pdbx_target_identifier 
1 polydeoxyribonucleotide no yes '(DT)(DT)(DC)(T2T)(CBR)(DT)(DT)(DC)' TTCNCTTC  A ? 
2 polyribonucleotide      no no  GAAGAAGAA                            GAAGAAGAA B ? 
# 
loop_
_pdbx_entity_nonpoly.entity_id 
_pdbx_entity_nonpoly.name 
_pdbx_entity_nonpoly.comp_id 
3 'COBALT (III) ION' 3CO 
4 SPERMINE           SPM 
5 water              HOH 
# 
loop_
_entity_poly_seq.entity_id 
_entity_poly_seq.num 
_entity_poly_seq.mon_id 
_entity_poly_seq.hetero 
1 1 DT  n 
1 2 DT  n 
1 3 DC  n 
1 4 T2T n 
1 5 CBR n 
1 6 DT  n 
1 7 DT  n 
1 8 DC  n 
2 1 G   n 
2 2 A   n 
2 3 A   n 
2 4 G   n 
2 5 A   n 
2 6 A   n 
2 7 G   n 
2 8 A   n 
2 9 A   n 
# 
loop_
_chem_comp.id 
_chem_comp.type 
_chem_comp.mon_nstd_flag 
_chem_comp.name 
_chem_comp.pdbx_synonyms 
_chem_comp.formula 
_chem_comp.formula_weight 
3CO non-polymer   . 'COBALT (III) ION' ? 'Co 3'              58.933  
A   'RNA linking' y "ADENOSINE-5'-MONOPHOSPHATE" ? 'C10 H14 N5 O7 P'   347.221 
CBR 'DNA linking' n "5-BROMO-2'-DEOXY-CYTIDINE-5'-MONOPHOSPHATE" ? 'C9 H13 Br N3 O7 P' 386.093 
DC  'DNA linking' y "2'-DEOXYCYTIDINE-5'-MONOPHOSPHATE" ? 'C9 H14 N3 O7 P'    307.197 
DT  'DNA linking' y "THYMIDINE-5'-MONOPHOSPHATE" ? 'C10 H15 N2 O8 P'   322.208 
G   'RNA linking' y "GUANOSINE-5'-MONOPHOSPHATE" ? 'C10 H14 N5 O8 P'   363.221 
HOH non-polymer   . WATER ? 'H2 O'              18.015  
SPM non-polymer   . SPERMINE ? 'C10 H26 N4'        202.340 
T2T 'RNA linking' . 
;[(2S,3S,5R)-3-[(2S)-3-({[(2R,3S,4R,5R)-3-HYDROXY-4-METHOXY-5-(5-METHYL-2,4-DIOXO-3,4-DIHYDROPYRIMIDIN-1(2H)-YL)TETRAHYDROFURAN-2-YL]METHYL}AMINO)-2-METHYL-3-OXOPROPYL]-5-(5-METHYL-2,4-DIOXO-3,4-DIHYDROPYRIMIDIN-1(2H)-YL)TETRAHYDROFURAN-2-YL]METHYL DIHYDROGEN PHOSPHATE
;
? 'C25 H36 N5 O13 P'  645.553 
# 
loop_
_pdbx_poly_seq_scheme.asym_id 
_pdbx_poly_seq_scheme.entity_id 
_pdbx_poly_seq_scheme.seq_id 
_pdbx_poly_seq_scheme.mon_id 
_pdbx_poly_seq_scheme.ndb_seq_num 
_pdbx_poly_seq_scheme.pdb_seq_num 
_pdbx_poly_seq_scheme.auth_seq_num 
_pdbx_poly_seq_scheme.pdb_mon_id 
_pdbx_poly_seq_scheme.auth_mon_id 
_pdbx_poly_seq_scheme.pdb_strand_id 
_pdbx_poly_seq_scheme.pdb_ins_code 
_pdbx_poly_seq_scheme.hetero 
A 1 1 DT  1 1  1  DT  T   A . n 
A 1 2 DT  2 2  2  DT  T   A . n 
A 1 3 DC  3 3  3  DC  C   A . n 
A 1 4 T2T 4 4  4  T2T T2T A . n 
A 1 5 CBR 5 6  6  CBR CBR A . n 
A 1 6 DT  6 7  7  DT  T   A . n 
A 1 7 DT  7 8  8  DT  T   A . n 
A 1 8 DC  8 9  9  DC  C   A . n 
B 2 1 G   1 10 10 G   G   B . n 
B 2 2 A   2 11 11 A   A   B . n 
B 2 3 A   3 12 12 A   A   B . n 
B 2 4 G   4 13 13 G   G   B . n 
B 2 5 A   5 14 14 A   A   B . n 
B 2 6 A   6 15 15 A   A   B . n 
B 2 7 G   7 16 16 G   G   B . n 
B 2 8 A   8 17 17 A   A   B . n 
B 2 9 A   9 18 18 A   A   B . n 
# 
loop_
_pdbx_nonpoly_scheme.asym_id 
_pdbx_nonpoly_scheme.entity_id 
_pdbx_nonpoly_scheme.mon_id 
_pdbx_nonpoly_scheme.ndb_seq_num 
_pdbx_nonpoly_scheme.pdb_seq_num 
_pdbx_nonpoly_scheme.auth_seq_num 
_pdbx_nonpoly_scheme.pdb_mon_id 
_pdbx_nonpoly_scheme.auth_mon_id 
_pdbx_nonpoly_scheme.pdb_strand_id 
_pdbx_nonpoly_scheme.pdb_ins_code 
C 3 3CO 1  21  21  3CO 3CO B . 
D 3 3CO 1  22  22  3CO 3CO B . 
E 4 SPM 1  521 521 SPM SPM B . 
F 5 HOH 1  25  25  HOH HOH A . 
F 5 HOH 2  26  26  HOH HOH A . 
F 5 HOH 3  32  32  HOH HOH A . 
F 5 HOH 4  33  33  HOH HOH A . 
F 5 HOH 5  37  37  HOH HOH A . 
F 5 HOH 6  38  38  HOH HOH A . 
G 5 HOH 1  23  23  HOH HOH B . 
G 5 HOH 2  24  24  HOH HOH B . 
G 5 HOH 3  27  27  HOH HOH B . 
G 5 HOH 4  28  28  HOH HOH B . 
G 5 HOH 5  29  29  HOH HOH B . 
G 5 HOH 6  30  30  HOH HOH B . 
G 5 HOH 7  31  31  HOH HOH B . 
G 5 HOH 8  34  34  HOH HOH B . 
G 5 HOH 9  36  36  HOH HOH B . 
G 5 HOH 10 39  39  HOH HOH B . 
G 5 HOH 11 40  40  HOH HOH B . 
# 
loop_
_software.name 
_software.classification 
_software.version 
_software.citation_id 
_software.pdbx_ordinal 
MAR345    'data collection' . ? 1 
DENZO     'data reduction'  . ? 2 
CNS       refinement        . ? 3 
SCALEPACK 'data scaling'    . ? 4 
CNS       phasing           . ? 5 
# 
_cell.entry_id           2GUN 
_cell.length_a           47.231 
_cell.length_b           47.231 
_cell.length_c           24.464 
_cell.angle_alpha        90.00 
_cell.angle_beta         90.00 
_cell.angle_gamma        90.00 
_cell.Z_PDB              4 
_cell.pdbx_unique_axis   ? 
_cell.length_a_esd       ? 
_cell.length_b_esd       ? 
_cell.length_c_esd       ? 
_cell.angle_alpha_esd    ? 
_cell.angle_beta_esd     ? 
_cell.angle_gamma_esd    ? 
# 
_symmetry.entry_id                         2GUN 
_symmetry.space_group_name_H-M             'P 43' 
_symmetry.pdbx_full_space_group_name_H-M   ? 
_symmetry.cell_setting                     ? 
_symmetry.Int_Tables_number                78 
_symmetry.space_group_name_Hall            ? 
# 
_exptl.entry_id          2GUN 
_exptl.method            'X-RAY DIFFRACTION' 
_exptl.crystals_number   1 
# 
_exptl_crystal.id                    1 
_exptl_crystal.density_meas          ? 
_exptl_crystal.density_Matthews      2.38 
_exptl_crystal.density_percent_sol   48.22 
_exptl_crystal.description           ? 
_exptl_crystal.F_000                 ? 
_exptl_crystal.preparation           ? 
# 
_exptl_crystal_grow.crystal_id      1 
_exptl_crystal_grow.method          'VAPOR DIFFUSION, HANGING DROP' 
_exptl_crystal_grow.temp            291 
_exptl_crystal_grow.temp_details    ? 
_exptl_crystal_grow.pH              7.0 
_exptl_crystal_grow.pdbx_details    
;0.5 mM cobalt hexamine, 5 mM spermine tetrachloride, 80 mM sodium cacodylate buffer (pH = 7.0) and 10% (v/v) 2-methyl-2,4-pentanediol (MPD)., VAPOR DIFFUSION, HANGING DROP, temperature 291K
;
_exptl_crystal_grow.pdbx_pH_range   . 
# 
loop_
_exptl_crystal_grow_comp.crystal_id 
_exptl_crystal_grow_comp.id 
_exptl_crystal_grow_comp.sol_id 
_exptl_crystal_grow_comp.name 
_exptl_crystal_grow_comp.volume 
_exptl_crystal_grow_comp.conc 
_exptl_crystal_grow_comp.details 
1 1 1 'cobalt hexamine'        ? ? ? 
1 2 1 'spermine tetrachloride' ? ? ? 
1 3 1 'sodium cacodylate'      ? ? ? 
1 4 1 MPD                      ? ? ? 
1 5 1 H2O                      ? ? ? 
1 6 2 'cobalt hexamine'        ? ? ? 
1 7 2 'sodium cacodylate'      ? ? ? 
1 8 2 H2O                      ? ? ? 
# 
_diffrn.id                     1 
_diffrn.ambient_temp           110 
_diffrn.ambient_temp_details   ? 
_diffrn.crystal_id             1 
# 
_diffrn_detector.diffrn_id              1 
_diffrn_detector.detector               CCD 
_diffrn_detector.type                   MARRESEARCH 
_diffrn_detector.pdbx_collection_date   2001-11-04 
_diffrn_detector.details                ? 
# 
_diffrn_radiation.diffrn_id                        1 
_diffrn_radiation.wavelength_id                    1 
_diffrn_radiation.pdbx_monochromatic_or_laue_m_l   M 
_diffrn_radiation.monochromator                    'Si Monochromator' 
_diffrn_radiation.pdbx_diffrn_protocol             'SINGLE WAVELENGTH' 
_diffrn_radiation.pdbx_scattering_type             x-ray 
# 
_diffrn_radiation_wavelength.id           1 
_diffrn_radiation_wavelength.wavelength   0.9203 
_diffrn_radiation_wavelength.wt           1.0 
# 
_diffrn_source.diffrn_id                   1 
_diffrn_source.source                      SYNCHROTRON 
_diffrn_source.type                        'APS BEAMLINE 5ID-B' 
_diffrn_source.pdbx_synchrotron_site       APS 
_diffrn_source.pdbx_synchrotron_beamline   5ID-B 
_diffrn_source.pdbx_wavelength             ? 
_diffrn_source.pdbx_wavelength_list        0.9203 
# 
_reflns.entry_id                     2GUN 
_reflns.observed_criterion_sigma_I   0.0 
_reflns.observed_criterion_sigma_F   0.0 
_reflns.d_resolution_low             20.0 
_reflns.d_resolution_high            2.80 
_reflns.number_obs                   2391 
_reflns.number_all                   2602 
_reflns.percent_possible_obs         91.9 
_reflns.pdbx_Rmerge_I_obs            ? 
_reflns.pdbx_Rsym_value              0.057 
_reflns.pdbx_netI_over_sigmaI        ? 
_reflns.B_iso_Wilson_estimate        ? 
_reflns.pdbx_redundancy              ? 
_reflns.R_free_details               ? 
_reflns.pdbx_chi_squared             ? 
_reflns.pdbx_scaling_rejects         ? 
_reflns.pdbx_diffrn_id               1 
_reflns.pdbx_ordinal                 1 
# 
_reflns_shell.d_res_high             2.80 
_reflns_shell.d_res_low              ? 
_reflns_shell.percent_possible_all   92.3 
_reflns_shell.Rmerge_I_obs           ? 
_reflns_shell.pdbx_Rsym_value        ? 
_reflns_shell.meanI_over_sigI_obs    ? 
_reflns_shell.pdbx_redundancy        ? 
_reflns_shell.percent_possible_obs   ? 
_reflns_shell.number_unique_all      ? 
_reflns_shell.number_measured_all    ? 
_reflns_shell.number_measured_obs    ? 
_reflns_shell.number_unique_obs      ? 
_reflns_shell.pdbx_chi_squared       ? 
_reflns_shell.pdbx_diffrn_id         ? 
_reflns_shell.pdbx_ordinal           1 
# 
_refine.entry_id                                 2GUN 
_refine.ls_number_reflns_obs                     2388 
_refine.ls_number_reflns_all                     2586 
_refine.pdbx_ls_sigma_I                          ? 
_refine.pdbx_ls_sigma_F                          4 
_refine.pdbx_data_cutoff_high_absF               ? 
_refine.pdbx_data_cutoff_low_absF                ? 
_refine.pdbx_data_cutoff_high_rms_absF           ? 
_refine.ls_d_res_low                             20.0 
_refine.ls_d_res_high                            2.80 
_refine.ls_percent_reflns_obs                    92.30 
_refine.ls_R_factor_obs                          ? 
_refine.ls_R_factor_all                          ? 
_refine.ls_R_factor_R_work                       0.235 
_refine.ls_R_factor_R_free                       0.272 
_refine.ls_R_factor_R_free_error                 ? 
_refine.ls_R_factor_R_free_error_details         ? 
_refine.ls_percent_reflns_R_free                 ? 
_refine.ls_number_reflns_R_free                  215 
_refine.ls_number_parameters                     ? 
_refine.ls_number_restraints                     ? 
_refine.occupancy_min                            ? 
_refine.occupancy_max                            ? 
_refine.correlation_coeff_Fo_to_Fc               ? 
_refine.correlation_coeff_Fo_to_Fc_free          ? 
_refine.B_iso_mean                               ? 
_refine.aniso_B[1][1]                            ? 
_refine.aniso_B[2][2]                            ? 
_refine.aniso_B[3][3]                            ? 
_refine.aniso_B[1][2]                            ? 
_refine.aniso_B[1][3]                            ? 
_refine.aniso_B[2][3]                            ? 
_refine.solvent_model_details                    ? 
_refine.solvent_model_param_ksol                 ? 
_refine.solvent_model_param_bsol                 ? 
_refine.pdbx_solvent_vdw_probe_radii             ? 
_refine.pdbx_solvent_ion_probe_radii             ? 
_refine.pdbx_solvent_shrinkage_radii             ? 
_refine.pdbx_ls_cross_valid_method               THROUGHOUT 
_refine.details                                  ? 
_refine.pdbx_starting_model                      ? 
_refine.pdbx_method_to_determine_struct          'MOLECULAR REPLACEMENT' 
_refine.pdbx_isotropic_thermal_model             ? 
_refine.pdbx_stereochemistry_target_values       
;L. Clowney et.al., Geometric Parameters in Nucleic Acids: Nitrogenous Bases J. Am. Chem. Soc., (1996) 118, 509-518; A. Gelbin et.al., Geometric Parameters in Nucleic Acids: Sugar and Phosphate Constituents J. Am. Chem. Soc., (1996) 118, 519-529. G. Parkinson et. al., New parameters for the refinement of nucleic acid-containing structures Acta Cryst. (1996). D52, 57-64.
;
_refine.pdbx_stereochem_target_val_spec_case     ? 
_refine.pdbx_R_Free_selection_details            Random 
_refine.pdbx_overall_ESU_R                       ? 
_refine.pdbx_overall_ESU_R_Free                  ? 
_refine.overall_SU_ML                            ? 
_refine.overall_SU_B                             ? 
_refine.ls_redundancy_reflns_obs                 ? 
_refine.overall_SU_R_Cruickshank_DPI             ? 
_refine.overall_SU_R_free                        ? 
_refine.ls_wR_factor_R_free                      ? 
_refine.ls_wR_factor_R_work                      ? 
_refine.overall_FOM_free_R_set                   ? 
_refine.overall_FOM_work_R_set                   ? 
_refine.pdbx_refine_id                           'X-RAY DIFFRACTION' 
_refine.pdbx_diffrn_id                           1 
_refine.pdbx_TLS_residual_ADP_flag               ? 
_refine.pdbx_overall_phase_error                 ? 
_refine.pdbx_overall_SU_R_free_Cruickshank_DPI   ? 
_refine.pdbx_overall_SU_R_Blow_DPI               ? 
_refine.pdbx_overall_SU_R_free_Blow_DPI          ? 
# 
_refine_hist.pdbx_refine_id                   'X-RAY DIFFRACTION' 
_refine_hist.cycle_id                         LAST 
_refine_hist.pdbx_number_atoms_protein        0 
_refine_hist.pdbx_number_atoms_nucleic_acid   399 
_refine_hist.pdbx_number_atoms_ligand         19 
_refine_hist.number_atoms_solvent             17 
_refine_hist.number_atoms_total               435 
_refine_hist.d_res_high                       2.80 
_refine_hist.d_res_low                        20.0 
# 
loop_
_refine_ls_restr.type 
_refine_ls_restr.dev_ideal 
_refine_ls_restr.dev_ideal_target 
_refine_ls_restr.weight 
_refine_ls_restr.number 
_refine_ls_restr.pdbx_refine_id 
_refine_ls_restr.pdbx_restraint_function 
s_bond_d  0.006 ? ? ? 'X-RAY DIFFRACTION' ? 
s_angle_d 1.30  ? ? ? 'X-RAY DIFFRACTION' ? 
# 
_struct.entry_id                  2GUN 
_struct.title                     
'RNA-Binding Affinities and Crystal Structure of Oligonucleotides containing Five-Atom Amide-Based Backbone Structures' 
_struct.pdbx_model_details        ? 
_struct.pdbx_CASP_flag            ? 
_struct.pdbx_model_type_details   ? 
# 
_struct_keywords.entry_id        2GUN 
_struct_keywords.pdbx_keywords   DNA/RNA 
_struct_keywords.text            
'DNA:RNA hybrid, amide bearing DNA, thymidine dimers, internucleosidic amide linkage, DNA, RNA, DNA-RNA COMPLEX' 
# 
loop_
_struct_asym.id 
_struct_asym.pdbx_blank_PDB_chainid_flag 
_struct_asym.pdbx_modified 
_struct_asym.entity_id 
_struct_asym.details 
A N N 1 ? 
B N N 2 ? 
C N N 3 ? 
D N N 3 ? 
E N N 4 ? 
F N N 5 ? 
G N N 5 ? 
# 
loop_
_struct_ref.id 
_struct_ref.entity_id 
_struct_ref.db_name 
_struct_ref.db_code 
_struct_ref.pdbx_db_accession 
_struct_ref.pdbx_db_isoform 
_struct_ref.pdbx_seq_one_letter_code 
_struct_ref.pdbx_align_begin 
1 1 PDB 2GUN 2GUN ? ? ? 
2 2 PDB 2GUN 2GUN ? ? ? 
# 
loop_
_struct_ref_seq.align_id 
_struct_ref_seq.ref_id 
_struct_ref_seq.pdbx_PDB_id_code 
_struct_ref_seq.pdbx_strand_id 
_struct_ref_seq.seq_align_beg 
_struct_ref_seq.pdbx_seq_align_beg_ins_code 
_struct_ref_seq.seq_align_end 
_struct_ref_seq.pdbx_seq_align_end_ins_code 
_struct_ref_seq.pdbx_db_accession 
_struct_ref_seq.db_align_beg 
_struct_ref_seq.pdbx_db_align_beg_ins_code 
_struct_ref_seq.db_align_end 
_struct_ref_seq.pdbx_db_align_end_ins_code 
_struct_ref_seq.pdbx_auth_seq_align_beg 
_struct_ref_seq.pdbx_auth_seq_align_end 
1 1 2GUN A 1 ? 8 ? 2GUN 1  ? 9  ? 1  9  
2 2 2GUN B 1 ? 9 ? 2GUN 10 ? 18 ? 10 18 
# 
_pdbx_struct_assembly.id                   1 
_pdbx_struct_assembly.details              author_defined_assembly 
_pdbx_struct_assembly.method_details       ? 
_pdbx_struct_assembly.oligomeric_details   dimeric 
_pdbx_struct_assembly.oligomeric_count     2 
# 
_pdbx_struct_assembly_gen.assembly_id       1 
_pdbx_struct_assembly_gen.oper_expression   1 
_pdbx_struct_assembly_gen.asym_id_list      A,B,C,D,E,F,G 
# 
_pdbx_struct_oper_list.id                   1 
_pdbx_struct_oper_list.type                 'identity operation' 
_pdbx_struct_oper_list.name                 1_555 
_pdbx_struct_oper_list.symmetry_operation   x,y,z 
_pdbx_struct_oper_list.matrix[1][1]         1.0000000000 
_pdbx_struct_oper_list.matrix[1][2]         0.0000000000 
_pdbx_struct_oper_list.matrix[1][3]         0.0000000000 
_pdbx_struct_oper_list.vector[1]            0.0000000000 
_pdbx_struct_oper_list.matrix[2][1]         0.0000000000 
_pdbx_struct_oper_list.matrix[2][2]         1.0000000000 
_pdbx_struct_oper_list.matrix[2][3]         0.0000000000 
_pdbx_struct_oper_list.vector[2]            0.0000000000 
_pdbx_struct_oper_list.matrix[3][1]         0.0000000000 
_pdbx_struct_oper_list.matrix[3][2]         0.0000000000 
_pdbx_struct_oper_list.matrix[3][3]         1.0000000000 
_pdbx_struct_oper_list.vector[3]            0.0000000000 
# 
loop_
_struct_conn.id 
_struct_conn.conn_type_id 
_struct_conn.pdbx_leaving_atom_flag 
_struct_conn.pdbx_PDB_id 
_struct_conn.ptnr1_label_asym_id 
_struct_conn.ptnr1_label_comp_id 
_struct_conn.ptnr1_label_seq_id 
_struct_conn.ptnr1_label_atom_id 
_struct_conn.pdbx_ptnr1_label_alt_id 
_struct_conn.pdbx_ptnr1_PDB_ins_code 
_struct_conn.pdbx_ptnr1_standard_comp_id 
_struct_conn.ptnr1_symmetry 
_struct_conn.ptnr2_label_asym_id 
_struct_conn.ptnr2_label_comp_id 
_struct_conn.ptnr2_label_seq_id 
_struct_conn.ptnr2_label_atom_id 
_struct_conn.pdbx_ptnr2_label_alt_id 
_struct_conn.pdbx_ptnr2_PDB_ins_code 
_struct_conn.ptnr1_auth_asym_id 
_struct_conn.ptnr1_auth_comp_id 
_struct_conn.ptnr1_auth_seq_id 
_struct_conn.ptnr2_auth_asym_id 
_struct_conn.ptnr2_auth_comp_id 
_struct_conn.ptnr2_auth_seq_id 
_struct_conn.ptnr2_symmetry 
_struct_conn.pdbx_ptnr3_label_atom_id 
_struct_conn.pdbx_ptnr3_label_seq_id 
_struct_conn.pdbx_ptnr3_label_comp_id 
_struct_conn.pdbx_ptnr3_label_asym_id 
_struct_conn.pdbx_ptnr3_label_alt_id 
_struct_conn.pdbx_ptnr3_PDB_ins_code 
_struct_conn.details 
_struct_conn.pdbx_dist_value 
_struct_conn.pdbx_value_order 
_struct_conn.pdbx_role 
covale1  covale both ? A DC  3 "O3'" ? ? ? 1_555 A T2T 4 P  ? ? A DC  3 A T2T 4  1_555 ? ? ? ? ? ? ?            1.610 ? ? 
covale2  covale both ? A T2T 4 "O3'" ? ? ? 1_555 A CBR 5 P  ? ? A T2T 4 A CBR 6  1_555 ? ? ? ? ? ? ?            1.613 ? ? 
covale3  covale both ? A CBR 5 "O3'" ? ? ? 1_555 A DT  6 P  ? ? A CBR 6 A DT  7  1_555 ? ? ? ? ? ? ?            1.609 ? ? 
hydrog1  hydrog ?    ? A DT  1 N3    ? ? ? 1_555 B A   9 N1 A ? A DT  1 B A   18 1_555 ? ? ? ? ? ? WATSON-CRICK ?     ? ? 
hydrog2  hydrog ?    ? A DT  1 O4    ? ? ? 1_555 B A   9 N6 A ? A DT  1 B A   18 1_555 ? ? ? ? ? ? WATSON-CRICK ?     ? ? 
hydrog3  hydrog ?    ? A DT  2 N3    ? ? ? 1_555 B A   8 N1 ? ? A DT  2 B A   17 1_555 ? ? ? ? ? ? WATSON-CRICK ?     ? ? 
hydrog4  hydrog ?    ? A DT  2 O4    ? ? ? 1_555 B A   8 N6 ? ? A DT  2 B A   17 1_555 ? ? ? ? ? ? WATSON-CRICK ?     ? ? 
hydrog5  hydrog ?    ? A DC  3 N3    ? ? ? 1_555 B G   7 N1 ? ? A DC  3 B G   16 1_555 ? ? ? ? ? ? WATSON-CRICK ?     ? ? 
hydrog6  hydrog ?    ? A DC  3 N4    ? ? ? 1_555 B G   7 O6 ? ? A DC  3 B G   16 1_555 ? ? ? ? ? ? WATSON-CRICK ?     ? ? 
hydrog7  hydrog ?    ? A DC  3 O2    ? ? ? 1_555 B G   7 N2 ? ? A DC  3 B G   16 1_555 ? ? ? ? ? ? WATSON-CRICK ?     ? ? 
hydrog8  hydrog ?    ? A CBR 5 N3    ? ? ? 1_555 B G   4 N1 ? ? A CBR 6 B G   13 1_555 ? ? ? ? ? ? WATSON-CRICK ?     ? ? 
hydrog9  hydrog ?    ? A CBR 5 N4    ? ? ? 1_555 B G   4 O6 ? ? A CBR 6 B G   13 1_555 ? ? ? ? ? ? WATSON-CRICK ?     ? ? 
hydrog10 hydrog ?    ? A CBR 5 O2    ? ? ? 1_555 B G   4 N2 ? ? A CBR 6 B G   13 1_555 ? ? ? ? ? ? WATSON-CRICK ?     ? ? 
hydrog11 hydrog ?    ? A DT  6 N3    ? ? ? 1_555 B A   3 N1 ? ? A DT  7 B A   12 1_555 ? ? ? ? ? ? WATSON-CRICK ?     ? ? 
hydrog12 hydrog ?    ? A DT  6 O4    ? ? ? 1_555 B A   3 N6 ? ? A DT  7 B A   12 1_555 ? ? ? ? ? ? WATSON-CRICK ?     ? ? 
hydrog13 hydrog ?    ? A DT  7 N3    ? ? ? 1_555 B A   2 N1 ? ? A DT  8 B A   11 1_555 ? ? ? ? ? ? WATSON-CRICK ?     ? ? 
hydrog14 hydrog ?    ? A DT  7 O4    ? ? ? 1_555 B A   2 N6 ? ? A DT  8 B A   11 1_555 ? ? ? ? ? ? WATSON-CRICK ?     ? ? 
hydrog15 hydrog ?    ? A DC  8 N3    ? ? ? 1_555 B G   1 N1 ? ? A DC  9 B G   10 1_555 ? ? ? ? ? ? WATSON-CRICK ?     ? ? 
hydrog16 hydrog ?    ? A DC  8 N4    ? ? ? 1_555 B G   1 O6 ? ? A DC  9 B G   10 1_555 ? ? ? ? ? ? WATSON-CRICK ?     ? ? 
hydrog17 hydrog ?    ? A DC  8 O2    ? ? ? 1_555 B G   1 N2 ? ? A DC  9 B G   10 1_555 ? ? ? ? ? ? WATSON-CRICK ?     ? ? 
# 
loop_
_struct_conn_type.id 
_struct_conn_type.criteria 
_struct_conn_type.reference 
covale ? ? 
hydrog ? ? 
# 
_struct_site.id                   AC1 
_struct_site.pdbx_evidence_code   Software 
_struct_site.pdbx_auth_asym_id    B 
_struct_site.pdbx_auth_comp_id    SPM 
_struct_site.pdbx_auth_seq_id     521 
_struct_site.pdbx_auth_ins_code   ? 
_struct_site.pdbx_num_residues    5 
_struct_site.details              'BINDING SITE FOR RESIDUE SPM B 521' 
# 
loop_
_struct_site_gen.id 
_struct_site_gen.site_id 
_struct_site_gen.pdbx_num_res 
_struct_site_gen.label_comp_id 
_struct_site_gen.label_asym_id 
_struct_site_gen.label_seq_id 
_struct_site_gen.pdbx_auth_ins_code 
_struct_site_gen.auth_comp_id 
_struct_site_gen.auth_asym_id 
_struct_site_gen.auth_seq_id 
_struct_site_gen.label_atom_id 
_struct_site_gen.label_alt_id 
_struct_site_gen.symmetry 
_struct_site_gen.details 
1 AC1 5 CBR A 5 ? CBR A 6  . ? 1_554 ? 
2 AC1 5 DT  A 7 ? DT  A 8  . ? 4_564 ? 
3 AC1 5 DT  A 7 ? DT  A 8  . ? 1_554 ? 
4 AC1 5 DC  A 8 ? DC  A 9  . ? 1_554 ? 
5 AC1 5 A   B 6 ? A   B 15 . ? 1_555 ? 
# 
_pdbx_validate_rmsd_bond.id                        1 
_pdbx_validate_rmsd_bond.PDB_model_num             1 
_pdbx_validate_rmsd_bond.auth_atom_id_1            "O3'" 
_pdbx_validate_rmsd_bond.auth_asym_id_1            B 
_pdbx_validate_rmsd_bond.auth_comp_id_1            A 
_pdbx_validate_rmsd_bond.auth_seq_id_1             17 
_pdbx_validate_rmsd_bond.PDB_ins_code_1            ? 
_pdbx_validate_rmsd_bond.label_alt_id_1            ? 
_pdbx_validate_rmsd_bond.auth_atom_id_2            P 
_pdbx_validate_rmsd_bond.auth_asym_id_2            B 
_pdbx_validate_rmsd_bond.auth_comp_id_2            A 
_pdbx_validate_rmsd_bond.auth_seq_id_2             18 
_pdbx_validate_rmsd_bond.PDB_ins_code_2            ? 
_pdbx_validate_rmsd_bond.label_alt_id_2            B 
_pdbx_validate_rmsd_bond.bond_value                1.730 
_pdbx_validate_rmsd_bond.bond_target_value         1.607 
_pdbx_validate_rmsd_bond.bond_deviation            0.123 
_pdbx_validate_rmsd_bond.bond_standard_deviation   0.012 
_pdbx_validate_rmsd_bond.linker_flag               Y 
# 
_pdbx_struct_mod_residue.id               1 
_pdbx_struct_mod_residue.label_asym_id    A 
_pdbx_struct_mod_residue.label_comp_id    CBR 
_pdbx_struct_mod_residue.label_seq_id     5 
_pdbx_struct_mod_residue.auth_asym_id     A 
_pdbx_struct_mod_residue.auth_comp_id     CBR 
_pdbx_struct_mod_residue.auth_seq_id      6 
_pdbx_struct_mod_residue.PDB_ins_code     ? 
_pdbx_struct_mod_residue.parent_comp_id   DC 
_pdbx_struct_mod_residue.details          ? 
# 
loop_
_chem_comp_atom.comp_id 
_chem_comp_atom.atom_id 
_chem_comp_atom.type_symbol 
_chem_comp_atom.pdbx_aromatic_flag 
_chem_comp_atom.pdbx_stereo_config 
_chem_comp_atom.pdbx_ordinal 
3CO CO     CO N N 1   
A   OP3    O  N N 2   
A   P      P  N N 3   
A   OP1    O  N N 4   
A   OP2    O  N N 5   
A   "O5'"  O  N N 6   
A   "C5'"  C  N N 7   
A   "C4'"  C  N R 8   
A   "O4'"  O  N N 9   
A   "C3'"  C  N S 10  
A   "O3'"  O  N N 11  
A   "C2'"  C  N R 12  
A   "O2'"  O  N N 13  
A   "C1'"  C  N R 14  
A   N9     N  Y N 15  
A   C8     C  Y N 16  
A   N7     N  Y N 17  
A   C5     C  Y N 18  
A   C6     C  Y N 19  
A   N6     N  N N 20  
A   N1     N  Y N 21  
A   C2     C  Y N 22  
A   N3     N  Y N 23  
A   C4     C  Y N 24  
A   HOP3   H  N N 25  
A   HOP2   H  N N 26  
A   "H5'"  H  N N 27  
A   "H5''" H  N N 28  
A   "H4'"  H  N N 29  
A   "H3'"  H  N N 30  
A   "HO3'" H  N N 31  
A   "H2'"  H  N N 32  
A   "HO2'" H  N N 33  
A   "H1'"  H  N N 34  
A   H8     H  N N 35  
A   H61    H  N N 36  
A   H62    H  N N 37  
A   H2     H  N N 38  
CBR BR     BR N N 39  
CBR P      P  N N 40  
CBR OP1    O  N N 41  
CBR OP2    O  N N 42  
CBR "O5'"  O  N N 43  
CBR N1     N  N N 44  
CBR C6     C  N N 45  
CBR C2     C  N N 46  
CBR O2     O  N N 47  
CBR N3     N  N N 48  
CBR C4     C  N N 49  
CBR N4     N  N N 50  
CBR C5     C  N N 51  
CBR "C2'"  C  N N 52  
CBR "C5'"  C  N N 53  
CBR "C4'"  C  N R 54  
CBR "O4'"  O  N N 55  
CBR "C1'"  C  N R 56  
CBR "C3'"  C  N S 57  
CBR "O3'"  O  N N 58  
CBR OP3    O  N N 59  
CBR HOP2   H  N N 60  
CBR H6     H  N N 61  
CBR H41    H  N N 62  
CBR H42    H  N N 63  
CBR "H2'"  H  N N 64  
CBR "H2''" H  N N 65  
CBR "H5'"  H  N N 66  
CBR "H5''" H  N N 67  
CBR "H4'"  H  N N 68  
CBR "H1'"  H  N N 69  
CBR "H3'"  H  N N 70  
CBR "HO3'" H  N N 71  
CBR HOP3   H  N N 72  
DC  OP3    O  N N 73  
DC  P      P  N N 74  
DC  OP1    O  N N 75  
DC  OP2    O  N N 76  
DC  "O5'"  O  N N 77  
DC  "C5'"  C  N N 78  
DC  "C4'"  C  N R 79  
DC  "O4'"  O  N N 80  
DC  "C3'"  C  N S 81  
DC  "O3'"  O  N N 82  
DC  "C2'"  C  N N 83  
DC  "C1'"  C  N R 84  
DC  N1     N  N N 85  
DC  C2     C  N N 86  
DC  O2     O  N N 87  
DC  N3     N  N N 88  
DC  C4     C  N N 89  
DC  N4     N  N N 90  
DC  C5     C  N N 91  
DC  C6     C  N N 92  
DC  HOP3   H  N N 93  
DC  HOP2   H  N N 94  
DC  "H5'"  H  N N 95  
DC  "H5''" H  N N 96  
DC  "H4'"  H  N N 97  
DC  "H3'"  H  N N 98  
DC  "HO3'" H  N N 99  
DC  "H2'"  H  N N 100 
DC  "H2''" H  N N 101 
DC  "H1'"  H  N N 102 
DC  H41    H  N N 103 
DC  H42    H  N N 104 
DC  H5     H  N N 105 
DC  H6     H  N N 106 
DT  OP3    O  N N 107 
DT  P      P  N N 108 
DT  OP1    O  N N 109 
DT  OP2    O  N N 110 
DT  "O5'"  O  N N 111 
DT  "C5'"  C  N N 112 
DT  "C4'"  C  N R 113 
DT  "O4'"  O  N N 114 
DT  "C3'"  C  N S 115 
DT  "O3'"  O  N N 116 
DT  "C2'"  C  N N 117 
DT  "C1'"  C  N R 118 
DT  N1     N  N N 119 
DT  C2     C  N N 120 
DT  O2     O  N N 121 
DT  N3     N  N N 122 
DT  C4     C  N N 123 
DT  O4     O  N N 124 
DT  C5     C  N N 125 
DT  C7     C  N N 126 
DT  C6     C  N N 127 
DT  HOP3   H  N N 128 
DT  HOP2   H  N N 129 
DT  "H5'"  H  N N 130 
DT  "H5''" H  N N 131 
DT  "H4'"  H  N N 132 
DT  "H3'"  H  N N 133 
DT  "HO3'" H  N N 134 
DT  "H2'"  H  N N 135 
DT  "H2''" H  N N 136 
DT  "H1'"  H  N N 137 
DT  H3     H  N N 138 
DT  H71    H  N N 139 
DT  H72    H  N N 140 
DT  H73    H  N N 141 
DT  H6     H  N N 142 
G   OP3    O  N N 143 
G   P      P  N N 144 
G   OP1    O  N N 145 
G   OP2    O  N N 146 
G   "O5'"  O  N N 147 
G   "C5'"  C  N N 148 
G   "C4'"  C  N R 149 
G   "O4'"  O  N N 150 
G   "C3'"  C  N S 151 
G   "O3'"  O  N N 152 
G   "C2'"  C  N R 153 
G   "O2'"  O  N N 154 
G   "C1'"  C  N R 155 
G   N9     N  Y N 156 
G   C8     C  Y N 157 
G   N7     N  Y N 158 
G   C5     C  Y N 159 
G   C6     C  N N 160 
G   O6     O  N N 161 
G   N1     N  N N 162 
G   C2     C  N N 163 
G   N2     N  N N 164 
G   N3     N  N N 165 
G   C4     C  Y N 166 
G   HOP3   H  N N 167 
G   HOP2   H  N N 168 
G   "H5'"  H  N N 169 
G   "H5''" H  N N 170 
G   "H4'"  H  N N 171 
G   "H3'"  H  N N 172 
G   "HO3'" H  N N 173 
G   "H2'"  H  N N 174 
G   "HO2'" H  N N 175 
G   "H1'"  H  N N 176 
G   H8     H  N N 177 
G   H1     H  N N 178 
G   H21    H  N N 179 
G   H22    H  N N 180 
HOH O      O  N N 181 
HOH H1     H  N N 182 
HOH H2     H  N N 183 
SPM N1     N  N N 184 
SPM C2     C  N N 185 
SPM C3     C  N N 186 
SPM C4     C  N N 187 
SPM N5     N  N N 188 
SPM C6     C  N N 189 
SPM C7     C  N N 190 
SPM C8     C  N N 191 
SPM C9     C  N N 192 
SPM N10    N  N N 193 
SPM C11    C  N N 194 
SPM C12    C  N N 195 
SPM C13    C  N N 196 
SPM N14    N  N N 197 
SPM HN11   H  N N 198 
SPM HN12   H  N N 199 
SPM H21    H  N N 200 
SPM H22    H  N N 201 
SPM H31    H  N N 202 
SPM H32    H  N N 203 
SPM H41    H  N N 204 
SPM H42    H  N N 205 
SPM HN5    H  N N 206 
SPM H61    H  N N 207 
SPM H62    H  N N 208 
SPM H71    H  N N 209 
SPM H72    H  N N 210 
SPM H81    H  N N 211 
SPM H82    H  N N 212 
SPM H91    H  N N 213 
SPM H92    H  N N 214 
SPM HN0    H  N N 215 
SPM H111   H  N N 216 
SPM H112   H  N N 217 
SPM H121   H  N N 218 
SPM H122   H  N N 219 
SPM H131   H  N N 220 
SPM H132   H  N N 221 
SPM HN41   H  N N 222 
SPM HN42   H  N N 223 
T2T P      P  N N 224 
T2T OP1    O  N N 225 
T2T OP2    O  N N 226 
T2T C4     C  N N 227 
T2T N3     N  N N 228 
T2T C2     C  N N 229 
T2T N1     N  N N 230 
T2T C6     C  N N 231 
T2T C5     C  N N 232 
T2T "O5'"  O  N N 233 
T2T "C5'"  C  N N 234 
T2T C4X    C  N S 235 
T2T O4X    O  N N 236 
T2T C1X    C  N R 237 
T2T N1B    N  N N 238 
T2T C6B    C  N N 239 
T2T C2B    C  N N 240 
T2T O2B    O  N N 241 
T2T N3B    N  N N 242 
T2T C4B    C  N N 243 
T2T O4B    O  N N 244 
T2T C5B    C  N N 245 
T2T CAB    C  N N 246 
T2T C2X    C  N N 247 
T2T C3X    C  N S 248 
T2T CH2    C  N N 249 
T2T CP     C  N S 250 
T2T C2P    C  N N 251 
T2T CX     C  N N 252 
T2T OX     O  N N 253 
T2T N5X    N  N N 254 
T2T C5X    C  N N 255 
T2T "C4'"  C  N R 256 
T2T "O4'"  O  N N 257 
T2T "C1'"  C  N R 258 
T2T O2     O  N N 259 
T2T O4     O  N N 260 
T2T C5A    C  N N 261 
T2T "C2'"  C  N R 262 
T2T "O2'"  O  N N 263 
T2T CH3    C  N N 264 
T2T "C3'"  C  N R 265 
T2T "O3'"  O  N N 266 
T2T OP3    O  N N 267 
T2T HOP2   H  N N 268 
T2T HN3    H  N N 269 
T2T H6     H  N N 270 
T2T "H5'"  H  N N 271 
T2T "H5''" H  N N 272 
T2T H4X    H  N N 273 
T2T H1X    H  N N 274 
T2T H6B    H  N N 275 
T2T H3B    H  N N 276 
T2T HAB1   H  N N 277 
T2T HAB2   H  N N 278 
T2T HAB3   H  N N 279 
T2T H2X1   H  N N 280 
T2T H2X2   H  N N 281 
T2T H3X    H  N N 282 
T2T HH21   H  N N 283 
T2T HH22   H  N N 284 
T2T H1P    H  N N 285 
T2T H2P1   H  N N 286 
T2T H2P2   H  N N 287 
T2T H2P3   H  N N 288 
T2T H5X    H  N N 289 
T2T H5X1   H  N N 290 
T2T H5X2   H  N N 291 
T2T "H4'"  H  N N 292 
T2T "H1'"  H  N N 293 
T2T H5A1   H  N N 294 
T2T H5A2   H  N N 295 
T2T H5A3   H  N N 296 
T2T "H2'"  H  N N 297 
T2T HH31   H  N N 298 
T2T HH32   H  N N 299 
T2T HH33   H  N N 300 
T2T "H3'"  H  N N 301 
T2T "HO3'" H  N N 302 
T2T HOP3   H  N N 303 
# 
loop_
_chem_comp_bond.comp_id 
_chem_comp_bond.atom_id_1 
_chem_comp_bond.atom_id_2 
_chem_comp_bond.value_order 
_chem_comp_bond.pdbx_aromatic_flag 
_chem_comp_bond.pdbx_stereo_config 
_chem_comp_bond.pdbx_ordinal 
A   OP3   P      sing N N 1   
A   OP3   HOP3   sing N N 2   
A   P     OP1    doub N N 3   
A   P     OP2    sing N N 4   
A   P     "O5'"  sing N N 5   
A   OP2   HOP2   sing N N 6   
A   "O5'" "C5'"  sing N N 7   
A   "C5'" "C4'"  sing N N 8   
A   "C5'" "H5'"  sing N N 9   
A   "C5'" "H5''" sing N N 10  
A   "C4'" "O4'"  sing N N 11  
A   "C4'" "C3'"  sing N N 12  
A   "C4'" "H4'"  sing N N 13  
A   "O4'" "C1'"  sing N N 14  
A   "C3'" "O3'"  sing N N 15  
A   "C3'" "C2'"  sing N N 16  
A   "C3'" "H3'"  sing N N 17  
A   "O3'" "HO3'" sing N N 18  
A   "C2'" "O2'"  sing N N 19  
A   "C2'" "C1'"  sing N N 20  
A   "C2'" "H2'"  sing N N 21  
A   "O2'" "HO2'" sing N N 22  
A   "C1'" N9     sing N N 23  
A   "C1'" "H1'"  sing N N 24  
A   N9    C8     sing Y N 25  
A   N9    C4     sing Y N 26  
A   C8    N7     doub Y N 27  
A   C8    H8     sing N N 28  
A   N7    C5     sing Y N 29  
A   C5    C6     sing Y N 30  
A   C5    C4     doub Y N 31  
A   C6    N6     sing N N 32  
A   C6    N1     doub Y N 33  
A   N6    H61    sing N N 34  
A   N6    H62    sing N N 35  
A   N1    C2     sing Y N 36  
A   C2    N3     doub Y N 37  
A   C2    H2     sing N N 38  
A   N3    C4     sing Y N 39  
CBR BR    C5     sing N N 40  
CBR P     OP1    doub N N 41  
CBR P     OP2    sing N N 42  
CBR P     "O5'"  sing N N 43  
CBR P     OP3    sing N N 44  
CBR OP2   HOP2   sing N N 45  
CBR "O5'" "C5'"  sing N N 46  
CBR N1    C6     sing N N 47  
CBR N1    C2     sing N N 48  
CBR N1    "C1'"  sing N N 49  
CBR C6    C5     doub N N 50  
CBR C6    H6     sing N N 51  
CBR C2    O2     doub N N 52  
CBR C2    N3     sing N N 53  
CBR N3    C4     doub N N 54  
CBR C4    N4     sing N N 55  
CBR C4    C5     sing N N 56  
CBR N4    H41    sing N N 57  
CBR N4    H42    sing N N 58  
CBR "C2'" "C1'"  sing N N 59  
CBR "C2'" "C3'"  sing N N 60  
CBR "C2'" "H2'"  sing N N 61  
CBR "C2'" "H2''" sing N N 62  
CBR "C5'" "C4'"  sing N N 63  
CBR "C5'" "H5'"  sing N N 64  
CBR "C5'" "H5''" sing N N 65  
CBR "C4'" "O4'"  sing N N 66  
CBR "C4'" "C3'"  sing N N 67  
CBR "C4'" "H4'"  sing N N 68  
CBR "O4'" "C1'"  sing N N 69  
CBR "C1'" "H1'"  sing N N 70  
CBR "C3'" "O3'"  sing N N 71  
CBR "C3'" "H3'"  sing N N 72  
CBR "O3'" "HO3'" sing N N 73  
CBR OP3   HOP3   sing N N 74  
DC  OP3   P      sing N N 75  
DC  OP3   HOP3   sing N N 76  
DC  P     OP1    doub N N 77  
DC  P     OP2    sing N N 78  
DC  P     "O5'"  sing N N 79  
DC  OP2   HOP2   sing N N 80  
DC  "O5'" "C5'"  sing N N 81  
DC  "C5'" "C4'"  sing N N 82  
DC  "C5'" "H5'"  sing N N 83  
DC  "C5'" "H5''" sing N N 84  
DC  "C4'" "O4'"  sing N N 85  
DC  "C4'" "C3'"  sing N N 86  
DC  "C4'" "H4'"  sing N N 87  
DC  "O4'" "C1'"  sing N N 88  
DC  "C3'" "O3'"  sing N N 89  
DC  "C3'" "C2'"  sing N N 90  
DC  "C3'" "H3'"  sing N N 91  
DC  "O3'" "HO3'" sing N N 92  
DC  "C2'" "C1'"  sing N N 93  
DC  "C2'" "H2'"  sing N N 94  
DC  "C2'" "H2''" sing N N 95  
DC  "C1'" N1     sing N N 96  
DC  "C1'" "H1'"  sing N N 97  
DC  N1    C2     sing N N 98  
DC  N1    C6     sing N N 99  
DC  C2    O2     doub N N 100 
DC  C2    N3     sing N N 101 
DC  N3    C4     doub N N 102 
DC  C4    N4     sing N N 103 
DC  C4    C5     sing N N 104 
DC  N4    H41    sing N N 105 
DC  N4    H42    sing N N 106 
DC  C5    C6     doub N N 107 
DC  C5    H5     sing N N 108 
DC  C6    H6     sing N N 109 
DT  OP3   P      sing N N 110 
DT  OP3   HOP3   sing N N 111 
DT  P     OP1    doub N N 112 
DT  P     OP2    sing N N 113 
DT  P     "O5'"  sing N N 114 
DT  OP2   HOP2   sing N N 115 
DT  "O5'" "C5'"  sing N N 116 
DT  "C5'" "C4'"  sing N N 117 
DT  "C5'" "H5'"  sing N N 118 
DT  "C5'" "H5''" sing N N 119 
DT  "C4'" "O4'"  sing N N 120 
DT  "C4'" "C3'"  sing N N 121 
DT  "C4'" "H4'"  sing N N 122 
DT  "O4'" "C1'"  sing N N 123 
DT  "C3'" "O3'"  sing N N 124 
DT  "C3'" "C2'"  sing N N 125 
DT  "C3'" "H3'"  sing N N 126 
DT  "O3'" "HO3'" sing N N 127 
DT  "C2'" "C1'"  sing N N 128 
DT  "C2'" "H2'"  sing N N 129 
DT  "C2'" "H2''" sing N N 130 
DT  "C1'" N1     sing N N 131 
DT  "C1'" "H1'"  sing N N 132 
DT  N1    C2     sing N N 133 
DT  N1    C6     sing N N 134 
DT  C2    O2     doub N N 135 
DT  C2    N3     sing N N 136 
DT  N3    C4     sing N N 137 
DT  N3    H3     sing N N 138 
DT  C4    O4     doub N N 139 
DT  C4    C5     sing N N 140 
DT  C5    C7     sing N N 141 
DT  C5    C6     doub N N 142 
DT  C7    H71    sing N N 143 
DT  C7    H72    sing N N 144 
DT  C7    H73    sing N N 145 
DT  C6    H6     sing N N 146 
G   OP3   P      sing N N 147 
G   OP3   HOP3   sing N N 148 
G   P     OP1    doub N N 149 
G   P     OP2    sing N N 150 
G   P     "O5'"  sing N N 151 
G   OP2   HOP2   sing N N 152 
G   "O5'" "C5'"  sing N N 153 
G   "C5'" "C4'"  sing N N 154 
G   "C5'" "H5'"  sing N N 155 
G   "C5'" "H5''" sing N N 156 
G   "C4'" "O4'"  sing N N 157 
G   "C4'" "C3'"  sing N N 158 
G   "C4'" "H4'"  sing N N 159 
G   "O4'" "C1'"  sing N N 160 
G   "C3'" "O3'"  sing N N 161 
G   "C3'" "C2'"  sing N N 162 
G   "C3'" "H3'"  sing N N 163 
G   "O3'" "HO3'" sing N N 164 
G   "C2'" "O2'"  sing N N 165 
G   "C2'" "C1'"  sing N N 166 
G   "C2'" "H2'"  sing N N 167 
G   "O2'" "HO2'" sing N N 168 
G   "C1'" N9     sing N N 169 
G   "C1'" "H1'"  sing N N 170 
G   N9    C8     sing Y N 171 
G   N9    C4     sing Y N 172 
G   C8    N7     doub Y N 173 
G   C8    H8     sing N N 174 
G   N7    C5     sing Y N 175 
G   C5    C6     sing N N 176 
G   C5    C4     doub Y N 177 
G   C6    O6     doub N N 178 
G   C6    N1     sing N N 179 
G   N1    C2     sing N N 180 
G   N1    H1     sing N N 181 
G   C2    N2     sing N N 182 
G   C2    N3     doub N N 183 
G   N2    H21    sing N N 184 
G   N2    H22    sing N N 185 
G   N3    C4     sing N N 186 
HOH O     H1     sing N N 187 
HOH O     H2     sing N N 188 
SPM N1    C2     sing N N 189 
SPM N1    HN11   sing N N 190 
SPM N1    HN12   sing N N 191 
SPM C2    C3     sing N N 192 
SPM C2    H21    sing N N 193 
SPM C2    H22    sing N N 194 
SPM C3    C4     sing N N 195 
SPM C3    H31    sing N N 196 
SPM C3    H32    sing N N 197 
SPM C4    N5     sing N N 198 
SPM C4    H41    sing N N 199 
SPM C4    H42    sing N N 200 
SPM N5    C6     sing N N 201 
SPM N5    HN5    sing N N 202 
SPM C6    C7     sing N N 203 
SPM C6    H61    sing N N 204 
SPM C6    H62    sing N N 205 
SPM C7    C8     sing N N 206 
SPM C7    H71    sing N N 207 
SPM C7    H72    sing N N 208 
SPM C8    C9     sing N N 209 
SPM C8    H81    sing N N 210 
SPM C8    H82    sing N N 211 
SPM C9    N10    sing N N 212 
SPM C9    H91    sing N N 213 
SPM C9    H92    sing N N 214 
SPM N10   C11    sing N N 215 
SPM N10   HN0    sing N N 216 
SPM C11   C12    sing N N 217 
SPM C11   H111   sing N N 218 
SPM C11   H112   sing N N 219 
SPM C12   C13    sing N N 220 
SPM C12   H121   sing N N 221 
SPM C12   H122   sing N N 222 
SPM C13   N14    sing N N 223 
SPM C13   H131   sing N N 224 
SPM C13   H132   sing N N 225 
SPM N14   HN41   sing N N 226 
SPM N14   HN42   sing N N 227 
T2T P     OP1    doub N N 228 
T2T P     OP2    sing N N 229 
T2T P     "O5'"  sing N N 230 
T2T P     OP3    sing N N 231 
T2T OP2   HOP2   sing N N 232 
T2T C4    N3     sing N N 233 
T2T C4    C5     sing N N 234 
T2T C4    O4     doub N N 235 
T2T N3    C2     sing N N 236 
T2T N3    HN3    sing N N 237 
T2T C2    N1     sing N N 238 
T2T C2    O2     doub N N 239 
T2T N1    C6     sing N N 240 
T2T N1    "C1'"  sing N N 241 
T2T C6    C5     doub N N 242 
T2T C6    H6     sing N N 243 
T2T C5    C5A    sing N N 244 
T2T "O5'" "C5'"  sing N N 245 
T2T "C5'" C4X    sing N N 246 
T2T "C5'" "H5'"  sing N N 247 
T2T "C5'" "H5''" sing N N 248 
T2T C4X   O4X    sing N N 249 
T2T C4X   C3X    sing N N 250 
T2T C4X   H4X    sing N N 251 
T2T O4X   C1X    sing N N 252 
T2T C1X   N1B    sing N N 253 
T2T C1X   C2X    sing N N 254 
T2T C1X   H1X    sing N N 255 
T2T N1B   C6B    sing N N 256 
T2T N1B   C2B    sing N N 257 
T2T C6B   C5B    doub N N 258 
T2T C6B   H6B    sing N N 259 
T2T C2B   O2B    doub N N 260 
T2T C2B   N3B    sing N N 261 
T2T N3B   C4B    sing N N 262 
T2T N3B   H3B    sing N N 263 
T2T C4B   O4B    doub N N 264 
T2T C4B   C5B    sing N N 265 
T2T C5B   CAB    sing N N 266 
T2T CAB   HAB1   sing N N 267 
T2T CAB   HAB2   sing N N 268 
T2T CAB   HAB3   sing N N 269 
T2T C2X   C3X    sing N N 270 
T2T C2X   H2X1   sing N N 271 
T2T C2X   H2X2   sing N N 272 
T2T C3X   CH2    sing N N 273 
T2T C3X   H3X    sing N N 274 
T2T CH2   CP     sing N N 275 
T2T CH2   HH21   sing N N 276 
T2T CH2   HH22   sing N N 277 
T2T CP    C2P    sing N N 278 
T2T CP    CX     sing N N 279 
T2T CP    H1P    sing N N 280 
T2T C2P   H2P1   sing N N 281 
T2T C2P   H2P2   sing N N 282 
T2T C2P   H2P3   sing N N 283 
T2T CX    OX     doub N N 284 
T2T CX    N5X    sing N N 285 
T2T N5X   C5X    sing N N 286 
T2T N5X   H5X    sing N N 287 
T2T C5X   "C4'"  sing N N 288 
T2T C5X   H5X1   sing N N 289 
T2T C5X   H5X2   sing N N 290 
T2T "C4'" "O4'"  sing N N 291 
T2T "C4'" "C3'"  sing N N 292 
T2T "C4'" "H4'"  sing N N 293 
T2T "O4'" "C1'"  sing N N 294 
T2T "C1'" "C2'"  sing N N 295 
T2T "C1'" "H1'"  sing N N 296 
T2T C5A   H5A1   sing N N 297 
T2T C5A   H5A2   sing N N 298 
T2T C5A   H5A3   sing N N 299 
T2T "C2'" "O2'"  sing N N 300 
T2T "C2'" "C3'"  sing N N 301 
T2T "C2'" "H2'"  sing N N 302 
T2T "O2'" CH3    sing N N 303 
T2T CH3   HH31   sing N N 304 
T2T CH3   HH32   sing N N 305 
T2T CH3   HH33   sing N N 306 
T2T "C3'" "O3'"  sing N N 307 
T2T "C3'" "H3'"  sing N N 308 
T2T "O3'" "HO3'" sing N N 309 
T2T OP3   HOP3   sing N N 310 
# 
loop_
_ndb_struct_conf_na.entry_id 
_ndb_struct_conf_na.feature 
2GUN 'a-form double helix' 
2GUN 'internal loop'       
# 
loop_
_ndb_struct_na_base_pair.model_number 
_ndb_struct_na_base_pair.i_label_asym_id 
_ndb_struct_na_base_pair.i_label_comp_id 
_ndb_struct_na_base_pair.i_label_seq_id 
_ndb_struct_na_base_pair.i_symmetry 
_ndb_struct_na_base_pair.j_label_asym_id 
_ndb_struct_na_base_pair.j_label_comp_id 
_ndb_struct_na_base_pair.j_label_seq_id 
_ndb_struct_na_base_pair.j_symmetry 
_ndb_struct_na_base_pair.shear 
_ndb_struct_na_base_pair.stretch 
_ndb_struct_na_base_pair.stagger 
_ndb_struct_na_base_pair.buckle 
_ndb_struct_na_base_pair.propeller 
_ndb_struct_na_base_pair.opening 
_ndb_struct_na_base_pair.pair_number 
_ndb_struct_na_base_pair.pair_name 
_ndb_struct_na_base_pair.i_auth_asym_id 
_ndb_struct_na_base_pair.i_auth_seq_id 
_ndb_struct_na_base_pair.i_PDB_ins_code 
_ndb_struct_na_base_pair.j_auth_asym_id 
_ndb_struct_na_base_pair.j_auth_seq_id 
_ndb_struct_na_base_pair.j_PDB_ins_code 
_ndb_struct_na_base_pair.hbond_type_28 
_ndb_struct_na_base_pair.hbond_type_12 
1 A DT  1 1_555 B A 9 1_555 0.318  -0.122 -0.181 -10.923 -4.004  -2.182 1 A_DT1:A18_B  A 1 ? B 18 ? 20 1 
1 A DT  2 1_555 B A 8 1_555 -0.185 -0.398 -0.153 2.979   -13.637 1.562  2 A_DT2:A17_B  A 2 ? B 17 ? 20 1 
1 A DC  3 1_555 B G 7 1_555 0.710  -0.410 0.331  0.716   -13.678 -5.097 3 A_DC3:G16_B  A 3 ? B 16 ? 19 1 
1 A CBR 5 1_555 B G 4 1_555 0.287  -0.064 -0.040 -0.584  -3.538  3.067  4 A_CBR6:G13_B A 6 ? B 13 ? 19 1 
1 A DT  6 1_555 B A 3 1_555 0.167  -0.618 -0.030 6.649   -2.014  -0.246 5 A_DT7:A12_B  A 7 ? B 12 ? 20 1 
1 A DT  7 1_555 B A 2 1_555 0.313  -0.293 -0.116 10.386  -4.081  -1.292 6 A_DT8:A11_B  A 8 ? B 11 ? 20 1 
1 A DC  8 1_555 B G 1 1_555 0.590  -0.135 -0.093 16.492  -3.328  -1.212 7 A_DC9:G10_B  A 9 ? B 10 ? 19 1 
# 
loop_
_ndb_struct_na_base_pair_step.model_number 
_ndb_struct_na_base_pair_step.i_label_asym_id_1 
_ndb_struct_na_base_pair_step.i_label_comp_id_1 
_ndb_struct_na_base_pair_step.i_label_seq_id_1 
_ndb_struct_na_base_pair_step.i_symmetry_1 
_ndb_struct_na_base_pair_step.j_label_asym_id_1 
_ndb_struct_na_base_pair_step.j_label_comp_id_1 
_ndb_struct_na_base_pair_step.j_label_seq_id_1 
_ndb_struct_na_base_pair_step.j_symmetry_1 
_ndb_struct_na_base_pair_step.i_label_asym_id_2 
_ndb_struct_na_base_pair_step.i_label_comp_id_2 
_ndb_struct_na_base_pair_step.i_label_seq_id_2 
_ndb_struct_na_base_pair_step.i_symmetry_2 
_ndb_struct_na_base_pair_step.j_label_asym_id_2 
_ndb_struct_na_base_pair_step.j_label_comp_id_2 
_ndb_struct_na_base_pair_step.j_label_seq_id_2 
_ndb_struct_na_base_pair_step.j_symmetry_2 
_ndb_struct_na_base_pair_step.shift 
_ndb_struct_na_base_pair_step.slide 
_ndb_struct_na_base_pair_step.rise 
_ndb_struct_na_base_pair_step.tilt 
_ndb_struct_na_base_pair_step.roll 
_ndb_struct_na_base_pair_step.twist 
_ndb_struct_na_base_pair_step.x_displacement 
_ndb_struct_na_base_pair_step.y_displacement 
_ndb_struct_na_base_pair_step.helical_rise 
_ndb_struct_na_base_pair_step.inclination 
_ndb_struct_na_base_pair_step.tip 
_ndb_struct_na_base_pair_step.helical_twist 
_ndb_struct_na_base_pair_step.step_number 
_ndb_struct_na_base_pair_step.step_name 
_ndb_struct_na_base_pair_step.i_auth_asym_id_1 
_ndb_struct_na_base_pair_step.i_auth_seq_id_1 
_ndb_struct_na_base_pair_step.i_PDB_ins_code_1 
_ndb_struct_na_base_pair_step.j_auth_asym_id_1 
_ndb_struct_na_base_pair_step.j_auth_seq_id_1 
_ndb_struct_na_base_pair_step.j_PDB_ins_code_1 
_ndb_struct_na_base_pair_step.i_auth_asym_id_2 
_ndb_struct_na_base_pair_step.i_auth_seq_id_2 
_ndb_struct_na_base_pair_step.i_PDB_ins_code_2 
_ndb_struct_na_base_pair_step.j_auth_asym_id_2 
_ndb_struct_na_base_pair_step.j_auth_seq_id_2 
_ndb_struct_na_base_pair_step.j_PDB_ins_code_2 
1 A DT  1 1_555 B A 9 1_555 A DT 2 1_555 B A 8 1_555 0.119  -0.444 3.069 -0.859 10.399 29.900 -2.579 -0.365 2.760 19.425 1.605  
31.629 1 AA_DT1DT2:A17A18_BB  A 1 ? B 18 ? A 2 ? B 17 ? 
1 A DT  2 1_555 B A 8 1_555 A DC 3 1_555 B G 7 1_555 -0.038 -1.524 3.451 -6.040 -3.500 38.009 -1.839 -0.744 3.537 -5.320 9.179  
38.621 2 AA_DT2DC3:G16A17_BB  A 2 ? B 17 ? A 3 ? B 16 ? 
1 A CBR 5 1_555 B G 4 1_555 A DT 6 1_555 B A 3 1_555 0.208  -1.739 3.143 0.098  4.813  29.687 -4.259 -0.383 2.833 9.317  -0.190 
30.067 3 AA_CBR6DT7:A12G13_BB A 6 ? B 13 ? A 7 ? B 12 ? 
1 A DT  6 1_555 B A 3 1_555 A DT 7 1_555 B A 2 1_555 -0.534 -1.588 3.182 -0.348 1.662  29.635 -3.436 0.972  3.096 3.247  0.679  
29.683 4 AA_DT7DT8:A11A12_BB  A 7 ? B 12 ? A 8 ? B 11 ? 
1 A DT  7 1_555 B A 2 1_555 A DC 8 1_555 B G 1 1_555 -0.019 -1.779 3.229 0.192  5.233  29.259 -4.502 0.074  2.874 10.255 -0.376 
29.713 5 AA_DT8DC9:G10A11_BB  A 8 ? B 11 ? A 9 ? B 10 ? 
# 
_atom_sites.entry_id                    2GUN 
_atom_sites.fract_transf_matrix[1][1]   0.01981509 
_atom_sites.fract_transf_matrix[1][2]   -0.00733348 
_atom_sites.fract_transf_matrix[1][3]   0.00137050 
_atom_sites.fract_transf_matrix[2][1]   0.00379182 
_atom_sites.fract_transf_matrix[2][2]   0.00655008 
_atom_sites.fract_transf_matrix[2][3]   -0.01977409 
_atom_sites.fract_transf_matrix[3][1]   0.01240388 
_atom_sites.fract_transf_matrix[3][2]   0.03620080 
_atom_sites.fract_transf_matrix[3][3]   0.01436988 
_atom_sites.fract_transf_vector[1]      0.215376 
_atom_sites.fract_transf_vector[2]      0.285273 
_atom_sites.fract_transf_vector[3]      -0.044703 
# 
loop_
_atom_type.symbol 
BR 
C  
CO 
H  
N  
O  
P  
# 
loop_
_atom_site.group_PDB 
_atom_site.id 
_atom_site.type_symbol 
_atom_site.label_atom_id 
_atom_site.label_alt_id 
_atom_site.label_comp_id 
_atom_site.label_asym_id 
_atom_site.label_entity_id 
_atom_site.label_seq_id 
_atom_site.pdbx_PDB_ins_code 
_atom_site.Cartn_x 
_atom_site.Cartn_y 
_atom_site.Cartn_z 
_atom_site.occupancy 
_atom_site.B_iso_or_equiv 
_atom_site.pdbx_formal_charge 
_atom_site.auth_seq_id 
_atom_site.auth_comp_id 
_atom_site.auth_asym_id 
_atom_site.auth_atom_id 
_atom_site.pdbx_PDB_model_num 
ATOM   1   O  "O5'" . DT  A 1 1 ? -13.925 -0.664  -3.862  1.00 84.58 ? 1   DT  A "O5'" 1 
ATOM   2   C  "C5'" . DT  A 1 1 ? -14.799 0.458   -3.690  1.00 83.93 ? 1   DT  A "C5'" 1 
ATOM   3   C  "C4'" . DT  A 1 1 ? -14.907 0.900   -2.249  1.00 82.51 ? 1   DT  A "C4'" 1 
ATOM   4   O  "O4'" . DT  A 1 1 ? -14.991 -0.271  -1.406  1.00 81.80 ? 1   DT  A "O4'" 1 
ATOM   5   C  "C3'" . DT  A 1 1 ? -13.717 1.665   -1.689  1.00 83.58 ? 1   DT  A "C3'" 1 
ATOM   6   O  "O3'" . DT  A 1 1 ? -13.858 3.047   -1.993  1.00 85.47 ? 1   DT  A "O3'" 1 
ATOM   7   C  "C2'" . DT  A 1 1 ? -13.848 1.434   -0.187  1.00 82.21 ? 1   DT  A "C2'" 1 
ATOM   8   C  "C1'" . DT  A 1 1 ? -14.442 0.025   -0.134  1.00 81.98 ? 1   DT  A "C1'" 1 
ATOM   9   N  N1    . DT  A 1 1 ? -13.487 -1.037  0.229   1.00 79.75 ? 1   DT  A N1    1 
ATOM   10  C  C2    . DT  A 1 1 ? -13.175 -1.188  1.562   1.00 79.87 ? 1   DT  A C2    1 
ATOM   11  O  O2    . DT  A 1 1 ? -13.625 -0.464  2.442   1.00 79.40 ? 1   DT  A O2    1 
ATOM   12  N  N3    . DT  A 1 1 ? -12.312 -2.223  1.831   1.00 80.05 ? 1   DT  A N3    1 
ATOM   13  C  C4    . DT  A 1 1 ? -11.746 -3.097  0.922   1.00 79.97 ? 1   DT  A C4    1 
ATOM   14  O  O4    . DT  A 1 1 ? -11.006 -4.000  1.317   1.00 80.91 ? 1   DT  A O4    1 
ATOM   15  C  C5    . DT  A 1 1 ? -12.104 -2.861  -0.462  1.00 79.10 ? 1   DT  A C5    1 
ATOM   16  C  C7    . DT  A 1 1 ? -11.528 -3.747  -1.522  1.00 78.48 ? 1   DT  A C7    1 
ATOM   17  C  C6    . DT  A 1 1 ? -12.943 -1.856  -0.733  1.00 78.58 ? 1   DT  A C6    1 
ATOM   18  P  P     . DT  A 1 2 ? -12.551 3.950   -2.215  1.00 85.30 ? 2   DT  A P     1 
ATOM   19  O  OP1   . DT  A 1 2 ? -12.992 5.202   -2.882  1.00 86.64 ? 2   DT  A OP1   1 
ATOM   20  O  OP2   . DT  A 1 2 ? -11.533 3.087   -2.869  1.00 85.19 ? 2   DT  A OP2   1 
ATOM   21  O  "O5'" . DT  A 1 2 ? -12.068 4.318   -0.740  1.00 83.17 ? 2   DT  A "O5'" 1 
ATOM   22  C  "C5'" . DT  A 1 2 ? -12.832 5.198   0.077   1.00 82.33 ? 2   DT  A "C5'" 1 
ATOM   23  C  "C4'" . DT  A 1 2 ? -12.473 5.006   1.530   1.00 83.72 ? 2   DT  A "C4'" 1 
ATOM   24  O  "O4'" . DT  A 1 2 ? -12.613 3.600   1.868   1.00 82.99 ? 2   DT  A "O4'" 1 
ATOM   25  C  "C3'" . DT  A 1 2 ? -11.042 5.333   1.925   1.00 85.30 ? 2   DT  A "C3'" 1 
ATOM   26  O  "O3'" . DT  A 1 2 ? -10.895 6.707   2.247   1.00 87.67 ? 2   DT  A "O3'" 1 
ATOM   27  C  "C2'" . DT  A 1 2 ? -10.845 4.502   3.189   1.00 83.76 ? 2   DT  A "C2'" 1 
ATOM   28  C  "C1'" . DT  A 1 2 ? -11.670 3.257   2.874   1.00 80.78 ? 2   DT  A "C1'" 1 
ATOM   29  N  N1    . DT  A 1 2 ? -10.874 2.091   2.424   1.00 77.89 ? 2   DT  A N1    1 
ATOM   30  C  C2    . DT  A 1 2 ? -10.329 1.296   3.400   1.00 76.57 ? 2   DT  A C2    1 
ATOM   31  O  O2    . DT  A 1 2 ? -10.393 1.565   4.591   1.00 77.47 ? 2   DT  A O2    1 
ATOM   32  N  N3    . DT  A 1 2 ? -9.701  0.169   2.935   1.00 75.15 ? 2   DT  A N3    1 
ATOM   33  C  C4    . DT  A 1 2 ? -9.564  -0.229  1.623   1.00 73.76 ? 2   DT  A C4    1 
ATOM   34  O  O4    . DT  A 1 2 ? -9.040  -1.306  1.367   1.00 72.90 ? 2   DT  A O4    1 
ATOM   35  C  C5    . DT  A 1 2 ? -10.098 0.686   0.645   1.00 73.73 ? 2   DT  A C5    1 
ATOM   36  C  C7    . DT  A 1 2 ? -9.944  0.362   -0.808  1.00 73.79 ? 2   DT  A C7    1 
ATOM   37  C  C6    . DT  A 1 2 ? -10.716 1.790   1.086   1.00 75.70 ? 2   DT  A C6    1 
ATOM   38  P  P     . DC  A 1 3 ? -9.423  7.321   2.412   1.00 90.89 ? 3   DC  A P     1 
ATOM   39  O  OP1   . DC  A 1 3 ? -9.592  8.739   2.825   1.00 91.66 ? 3   DC  A OP1   1 
ATOM   40  O  OP2   . DC  A 1 3 ? -8.693  7.002   1.155   1.00 91.37 ? 3   DC  A OP2   1 
ATOM   41  O  "O5'" . DC  A 1 3 ? -8.762  6.505   3.622   1.00 88.68 ? 3   DC  A "O5'" 1 
ATOM   42  C  "C5'" . DC  A 1 3 ? -9.181  6.734   4.972   1.00 89.69 ? 3   DC  A "C5'" 1 
ATOM   43  C  "C4'" . DC  A 1 3 ? -8.577  5.711   5.921   1.00 89.09 ? 3   DC  A "C4'" 1 
ATOM   44  O  "O4'" . DC  A 1 3 ? -8.828  4.373   5.414   1.00 88.66 ? 3   DC  A "O4'" 1 
ATOM   45  C  "C3'" . DC  A 1 3 ? -7.069  5.721   6.130   1.00 88.63 ? 3   DC  A "C3'" 1 
ATOM   46  O  "O3'" . DC  A 1 3 ? -6.662  6.681   7.095   1.00 89.54 ? 3   DC  A "O3'" 1 
ATOM   47  C  "C2'" . DC  A 1 3 ? -6.809  4.323   6.680   1.00 86.96 ? 3   DC  A "C2'" 1 
ATOM   48  C  "C1'" . DC  A 1 3 ? -7.818  3.491   5.889   1.00 86.36 ? 3   DC  A "C1'" 1 
ATOM   49  N  N1    . DC  A 1 3 ? -7.233  2.761   4.747   1.00 82.61 ? 3   DC  A N1    1 
ATOM   50  C  C2    . DC  A 1 3 ? -6.442  1.627   5.006   1.00 80.74 ? 3   DC  A C2    1 
ATOM   51  O  O2    . DC  A 1 3 ? -6.179  1.326   6.189   1.00 78.90 ? 3   DC  A O2    1 
ATOM   52  N  N3    . DC  A 1 3 ? -5.979  0.896   3.967   1.00 80.05 ? 3   DC  A N3    1 
ATOM   53  C  C4    . DC  A 1 3 ? -6.253  1.269   2.714   1.00 80.40 ? 3   DC  A C4    1 
ATOM   54  N  N4    . DC  A 1 3 ? -5.805  0.495   1.716   1.00 78.72 ? 3   DC  A N4    1 
ATOM   55  C  C5    . DC  A 1 3 ? -7.006  2.449   2.423   1.00 80.98 ? 3   DC  A C5    1 
ATOM   56  C  C6    . DC  A 1 3 ? -7.472  3.157   3.460   1.00 81.07 ? 3   DC  A C6    1 
HETATM 57  P  P     . T2T A 1 4 ? -5.114  7.120   7.159   1.00 91.64 ? 4   T2T A P     1 
HETATM 58  O  OP1   . T2T A 1 4 ? -4.901  8.019   8.327   1.00 90.05 ? 4   T2T A OP1   1 
HETATM 59  O  OP2   . T2T A 1 4 ? -4.748  7.584   5.786   1.00 90.13 ? 4   T2T A OP2   1 
HETATM 60  C  C4    . T2T A 1 4 ? 0.462   2.527   1.924   1.00 51.33 ? 4   T2T A C4    1 
HETATM 61  N  N3    . T2T A 1 4 ? 1.194   1.417   2.307   1.00 50.24 ? 4   T2T A N3    1 
HETATM 62  C  C2    . T2T A 1 4 ? 1.751   1.177   3.543   1.00 52.93 ? 4   T2T A C2    1 
HETATM 63  N  N1    . T2T A 1 4 ? 1.546   2.169   4.473   1.00 53.34 ? 4   T2T A N1    1 
HETATM 64  C  C6    . T2T A 1 4 ? 0.818   3.296   4.165   1.00 51.68 ? 4   T2T A C6    1 
HETATM 65  C  C5    . T2T A 1 4 ? 0.270   3.524   2.965   1.00 50.67 ? 4   T2T A C5    1 
HETATM 66  O  "O5'" . T2T A 1 4 ? -4.349  5.763   7.488   1.00 85.73 ? 4   T2T A "O5'" 1 
HETATM 67  C  "C5'" . T2T A 1 4 ? -4.312  5.256   8.820   1.00 79.91 ? 4   T2T A "C5'" 1 
HETATM 68  C  C4X   . T2T A 1 4 ? -3.149  4.307   8.977   1.00 75.28 ? 4   T2T A C4X   1 
HETATM 69  O  O4X   . T2T A 1 4 ? -3.397  3.092   8.219   1.00 71.32 ? 4   T2T A O4X   1 
HETATM 70  C  C1X   . T2T A 1 4 ? -2.165  2.575   7.737   1.00 64.96 ? 4   T2T A C1X   1 
HETATM 71  N  N1B   . T2T A 1 4 ? -2.286  2.315   6.279   1.00 58.20 ? 4   T2T A N1B   1 
HETATM 72  C  C6B   . T2T A 1 4 ? -2.951  3.183   5.435   1.00 56.18 ? 4   T2T A C6B   1 
HETATM 73  C  C2B   . T2T A 1 4 ? -1.710  1.154   5.806   1.00 56.08 ? 4   T2T A C2B   1 
HETATM 74  O  O2B   . T2T A 1 4 ? -1.087  0.380   6.529   1.00 54.43 ? 4   T2T A O2B   1 
HETATM 75  N  N3B   . T2T A 1 4 ? -1.886  0.936   4.453   1.00 54.73 ? 4   T2T A N3B   1 
HETATM 76  C  C4B   . T2T A 1 4 ? -2.549  1.753   3.548   1.00 54.15 ? 4   T2T A C4B   1 
HETATM 77  O  O4B   . T2T A 1 4 ? -2.636  1.425   2.351   1.00 50.19 ? 4   T2T A O4B   1 
HETATM 78  C  C5B   . T2T A 1 4 ? -3.102  2.969   4.113   1.00 55.13 ? 4   T2T A C5B   1 
HETATM 79  C  CAB   . T2T A 1 4 ? -3.807  3.925   3.203   1.00 53.99 ? 4   T2T A CAB   1 
HETATM 80  C  C2X   . T2T A 1 4 ? -1.052  3.549   8.144   1.00 69.37 ? 4   T2T A C2X   1 
HETATM 81  C  C3X   . T2T A 1 4 ? -1.842  4.830   8.403   1.00 72.49 ? 4   T2T A C3X   1 
HETATM 82  C  CH2   . T2T A 1 4 ? -1.252  5.976   9.260   1.00 69.92 ? 4   T2T A CH2   1 
HETATM 83  C  CP    . T2T A 1 4 ? -0.168  5.481   10.239  1.00 69.10 ? 4   T2T A CP    1 
HETATM 84  C  C2P   . T2T A 1 4 ? -0.018  6.490   11.370  1.00 69.03 ? 4   T2T A C2P   1 
HETATM 85  C  CX    . T2T A 1 4 ? 1.161   5.357   9.505   1.00 68.64 ? 4   T2T A CX    1 
HETATM 86  O  OX    . T2T A 1 4 ? 2.216   5.405   10.132  1.00 68.86 ? 4   T2T A OX    1 
HETATM 87  N  N5X   . T2T A 1 4 ? 1.183   5.326   8.090   1.00 69.86 ? 4   T2T A N5X   1 
HETATM 88  C  C5X   . T2T A 1 4 ? 2.471   5.216   7.364   1.00 64.31 ? 4   T2T A C5X   1 
HETATM 89  C  "C4'" . T2T A 1 4 ? 2.811   3.760   7.205   1.00 60.74 ? 4   T2T A "C4'" 1 
HETATM 90  O  "O4'" . T2T A 1 4 ? 1.671   3.059   6.644   1.00 58.37 ? 4   T2T A "O4'" 1 
HETATM 91  C  "C1'" . T2T A 1 4 ? 2.127   1.999   5.820   1.00 56.39 ? 4   T2T A "C1'" 1 
HETATM 92  O  O2    . T2T A 1 4 ? 2.378   0.160   3.790   1.00 55.08 ? 4   T2T A O2    1 
HETATM 93  O  O4    . T2T A 1 4 ? 0.025   2.617   0.764   1.00 49.95 ? 4   T2T A O4    1 
HETATM 94  C  C5A   . T2T A 1 4 ? -0.532  4.749   2.661   1.00 50.23 ? 4   T2T A C5A   1 
HETATM 95  C  "C2'" . T2T A 1 4 ? 3.660   2.000   5.871   1.00 60.23 ? 4   T2T A "C2'" 1 
HETATM 96  O  "O2'" . T2T A 1 4 ? 4.081   1.081   6.861   1.00 59.49 ? 4   T2T A "O2'" 1 
HETATM 97  C  CH3   . T2T A 1 4 ? 3.581   -0.309  6.434   1.00 59.49 ? 4   T2T A CH3   1 
HETATM 98  C  "C3'" . T2T A 1 4 ? 3.962   3.449   6.262   1.00 63.10 ? 4   T2T A "C3'" 1 
HETATM 99  O  "O3'" . T2T A 1 4 ? 5.200   3.569   6.976   1.00 65.73 ? 4   T2T A "O3'" 1 
HETATM 100 H  H1P   . T2T A 1 4 ? -0.428  4.597   10.625  0.00 20.36 ? 4   T2T A H1P   1 
HETATM 101 BR BR    . CBR A 1 5 ? 3.441   4.456   2.341   1.00 71.02 ? 6   CBR A BR    1 
HETATM 102 P  P     . CBR A 1 5 ? 6.454   4.319   6.294   1.00 65.01 ? 6   CBR A P     1 
HETATM 103 O  OP1   . CBR A 1 5 ? 7.485   4.554   7.340   1.00 62.75 ? 6   CBR A OP1   1 
HETATM 104 O  OP2   . CBR A 1 5 ? 5.921   5.469   5.514   1.00 63.23 ? 6   CBR A OP2   1 
HETATM 105 O  "O5'" . CBR A 1 5 ? 7.029   3.221   5.294   1.00 63.37 ? 6   CBR A "O5'" 1 
HETATM 106 N  N1    . CBR A 1 5 ? 5.620   1.004   1.971   1.00 62.61 ? 6   CBR A N1    1 
HETATM 107 C  C6    . CBR A 1 5 ? 5.036   2.139   2.464   1.00 64.62 ? 6   CBR A C6    1 
HETATM 108 C  C2    . CBR A 1 5 ? 5.318   0.562   0.677   1.00 62.76 ? 6   CBR A C2    1 
HETATM 109 O  O2    . CBR A 1 5 ? 5.813   -0.501  0.286   1.00 62.38 ? 6   CBR A O2    1 
HETATM 110 N  N3    . CBR A 1 5 ? 4.494   1.297   -0.107  1.00 61.90 ? 6   CBR A N3    1 
HETATM 111 C  C4    . CBR A 1 5 ? 3.957   2.418   0.368   1.00 64.01 ? 6   CBR A C4    1 
HETATM 112 N  N4    . CBR A 1 5 ? 3.173   3.125   -0.443  1.00 62.84 ? 6   CBR A N4    1 
HETATM 113 C  C5    . CBR A 1 5 ? 4.207   2.867   1.700   1.00 66.12 ? 6   CBR A C5    1 
HETATM 114 C  "C2'" . CBR A 1 5 ? 8.044   0.556   2.363   1.00 62.05 ? 6   CBR A "C2'" 1 
HETATM 115 C  "C5'" . CBR A 1 5 ? 7.530   1.991   5.788   1.00 62.19 ? 6   CBR A "C5'" 1 
HETATM 116 C  "C4'" . CBR A 1 5 ? 7.735   1.021   4.656   1.00 63.61 ? 6   CBR A "C4'" 1 
HETATM 117 O  "O4'" . CBR A 1 5 ? 6.454   0.590   4.131   1.00 66.24 ? 6   CBR A "O4'" 1 
HETATM 118 C  "C1'" . CBR A 1 5 ? 6.598   0.240   2.760   1.00 62.53 ? 6   CBR A "C1'" 1 
HETATM 119 C  "C3'" . CBR A 1 5 ? 8.439   1.572   3.433   1.00 63.30 ? 6   CBR A "C3'" 1 
HETATM 120 O  "O3'" . CBR A 1 5 ? 9.844   1.635   3.640   1.00 63.81 ? 6   CBR A "O3'" 1 
ATOM   121 P  P     . DT  A 1 6 ? 10.730  2.626   2.734   1.00 62.40 ? 7   DT  A P     1 
ATOM   122 O  OP1   . DT  A 1 6 ? 12.134  2.490   3.185   1.00 62.78 ? 7   DT  A OP1   1 
ATOM   123 O  OP2   . DT  A 1 6 ? 10.088  3.965   2.707   1.00 56.75 ? 7   DT  A OP2   1 
ATOM   124 O  "O5'" . DT  A 1 6 ? 10.647  1.964   1.289   1.00 58.67 ? 7   DT  A "O5'" 1 
ATOM   125 C  "C5'" . DT  A 1 6 ? 11.159  0.657   1.074   1.00 53.76 ? 7   DT  A "C5'" 1 
ATOM   126 C  "C4'" . DT  A 1 6 ? 10.916  0.225   -0.350  1.00 51.59 ? 7   DT  A "C4'" 1 
ATOM   127 O  "O4'" . DT  A 1 6 ? 9.488   0.150   -0.619  1.00 49.79 ? 7   DT  A "O4'" 1 
ATOM   128 C  "C3'" . DT  A 1 6 ? 11.447  1.174   -1.406  1.00 48.70 ? 7   DT  A "C3'" 1 
ATOM   129 O  "O3'" . DT  A 1 6 ? 12.845  0.926   -1.568  1.00 46.04 ? 7   DT  A "O3'" 1 
ATOM   130 C  "C2'" . DT  A 1 6 ? 10.605  0.788   -2.626  1.00 49.33 ? 7   DT  A "C2'" 1 
ATOM   131 C  "C1'" . DT  A 1 6 ? 9.251   0.433   -1.989  1.00 46.28 ? 7   DT  A "C1'" 1 
ATOM   132 N  N1    . DT  A 1 6 ? 8.201   1.486   -2.093  1.00 44.33 ? 7   DT  A N1    1 
ATOM   133 C  C2    . DT  A 1 6 ? 7.466   1.544   -3.253  1.00 43.95 ? 7   DT  A C2    1 
ATOM   134 O  O2    . DT  A 1 6 ? 7.593   0.745   -4.169  1.00 45.75 ? 7   DT  A O2    1 
ATOM   135 N  N3    . DT  A 1 6 ? 6.556   2.567   -3.299  1.00 41.84 ? 7   DT  A N3    1 
ATOM   136 C  C4    . DT  A 1 6 ? 6.280   3.494   -2.314  1.00 40.85 ? 7   DT  A C4    1 
ATOM   137 O  O4    . DT  A 1 6 ? 5.435   4.373   -2.510  1.00 42.25 ? 7   DT  A O4    1 
ATOM   138 C  C5    . DT  A 1 6 ? 7.041   3.347   -1.107  1.00 39.47 ? 7   DT  A C5    1 
ATOM   139 C  C7    . DT  A 1 6 ? 6.756   4.264   0.040   1.00 36.09 ? 7   DT  A C7    1 
ATOM   140 C  C6    . DT  A 1 6 ? 7.970   2.376   -1.062  1.00 42.20 ? 7   DT  A C6    1 
ATOM   141 P  P     . DT  A 1 7 ? 13.766  1.972   -2.381  1.00 43.33 ? 8   DT  A P     1 
ATOM   142 O  OP1   . DT  A 1 7 ? 15.160  1.479   -2.376  1.00 40.41 ? 8   DT  A OP1   1 
ATOM   143 O  OP2   . DT  A 1 7 ? 13.472  3.343   -1.875  1.00 37.95 ? 8   DT  A OP2   1 
ATOM   144 O  "O5'" . DT  A 1 7 ? 13.265  1.797   -3.887  1.00 42.75 ? 8   DT  A "O5'" 1 
ATOM   145 C  "C5'" . DT  A 1 7 ? 13.512  0.596   -4.594  1.00 41.79 ? 8   DT  A "C5'" 1 
ATOM   146 C  "C4'" . DT  A 1 7 ? 12.853  0.649   -5.949  1.00 46.12 ? 8   DT  A "C4'" 1 
ATOM   147 O  "O4'" . DT  A 1 7 ? 11.408  0.679   -5.801  1.00 50.56 ? 8   DT  A "O4'" 1 
ATOM   148 C  "C3'" . DT  A 1 7 ? 13.159  1.897   -6.747  1.00 49.70 ? 8   DT  A "C3'" 1 
ATOM   149 O  "O3'" . DT  A 1 7 ? 14.403  1.733   -7.410  1.00 53.45 ? 8   DT  A "O3'" 1 
ATOM   150 C  "C2'" . DT  A 1 7 ? 11.978  1.963   -7.717  1.00 48.68 ? 8   DT  A "C2'" 1 
ATOM   151 C  "C1'" . DT  A 1 7 ? 10.834  1.463   -6.837  1.00 46.67 ? 8   DT  A "C1'" 1 
ATOM   152 N  N1    . DT  A 1 7 ? 10.040  2.546   -6.215  1.00 45.43 ? 8   DT  A N1    1 
ATOM   153 C  C2    . DT  A 1 7 ? 9.023   3.075   -6.962  1.00 45.94 ? 8   DT  A C2    1 
ATOM   154 O  O2    . DT  A 1 7 ? 8.734   2.646   -8.065  1.00 49.94 ? 8   DT  A O2    1 
ATOM   155 N  N3    . DT  A 1 7 ? 8.337   4.106   -6.372  1.00 43.85 ? 8   DT  A N3    1 
ATOM   156 C  C4    . DT  A 1 7 ? 8.542   4.630   -5.120  1.00 45.42 ? 8   DT  A C4    1 
ATOM   157 O  O4    . DT  A 1 7 ? 7.848   5.594   -4.731  1.00 44.65 ? 8   DT  A O4    1 
ATOM   158 C  C5    . DT  A 1 7 ? 9.601   3.979   -4.354  1.00 45.33 ? 8   DT  A C5    1 
ATOM   159 C  C7    . DT  A 1 7 ? 9.852   4.408   -2.944  1.00 44.58 ? 8   DT  A C7    1 
ATOM   160 C  C6    . DT  A 1 7 ? 10.301  3.001   -4.945  1.00 43.23 ? 8   DT  A C6    1 
ATOM   161 P  P     . DC  A 1 8 ? 15.347  3.006   -7.658  1.00 53.90 ? 9   DC  A P     1 
ATOM   162 O  OP1   . DC  A 1 8 ? 16.671  2.471   -8.072  1.00 54.66 ? 9   DC  A OP1   1 
ATOM   163 O  OP2   . DC  A 1 8 ? 15.253  3.914   -6.483  1.00 53.22 ? 9   DC  A OP2   1 
ATOM   164 O  "O5'" . DC  A 1 8 ? 14.663  3.700   -8.913  1.00 46.60 ? 9   DC  A "O5'" 1 
ATOM   165 C  "C5'" . DC  A 1 8 ? 14.451  2.966   -10.101 1.00 42.33 ? 9   DC  A "C5'" 1 
ATOM   166 C  "C4'" . DC  A 1 8 ? 13.494  3.705   -10.989 1.00 43.56 ? 9   DC  A "C4'" 1 
ATOM   167 O  "O4'" . DC  A 1 8 ? 12.171  3.715   -10.394 1.00 45.35 ? 9   DC  A "O4'" 1 
ATOM   168 C  "C3'" . DC  A 1 8 ? 13.808  5.177   -11.161 1.00 43.93 ? 9   DC  A "C3'" 1 
ATOM   169 O  "O3'" . DC  A 1 8 ? 14.880  5.290   -12.090 1.00 52.36 ? 9   DC  A "O3'" 1 
ATOM   170 C  "C2'" . DC  A 1 8 ? 12.473  5.733   -11.627 1.00 42.01 ? 9   DC  A "C2'" 1 
ATOM   171 C  "C1'" . DC  A 1 8 ? 11.486  4.884   -10.817 1.00 40.94 ? 9   DC  A "C1'" 1 
ATOM   172 N  N1    . DC  A 1 8 ? 11.004  5.607   -9.638  1.00 37.84 ? 9   DC  A N1    1 
ATOM   173 C  C2    . DC  A 1 8 ? 9.900   6.417   -9.793  1.00 37.58 ? 9   DC  A C2    1 
ATOM   174 O  O2    . DC  A 1 8 ? 9.374   6.487   -10.914 1.00 41.40 ? 9   DC  A O2    1 
ATOM   175 N  N3    . DC  A 1 8 ? 9.432   7.113   -8.747  1.00 36.84 ? 9   DC  A N3    1 
ATOM   176 C  C4    . DC  A 1 8 ? 10.041  7.024   -7.567  1.00 37.36 ? 9   DC  A C4    1 
ATOM   177 N  N4    . DC  A 1 8 ? 9.539   7.747   -6.555  1.00 36.85 ? 9   DC  A N4    1 
ATOM   178 C  C5    . DC  A 1 8 ? 11.187  6.195   -7.373  1.00 35.29 ? 9   DC  A C5    1 
ATOM   179 C  C6    . DC  A 1 8 ? 11.629  5.506   -8.426  1.00 35.43 ? 9   DC  A C6    1 
ATOM   180 O  "O5'" . G   B 2 1 ? 1.817   13.199  -8.701  1.00 80.26 ? 10  G   B "O5'" 1 
ATOM   181 C  "C5'" . G   B 2 1 ? 1.333   13.813  -9.906  1.00 78.19 ? 10  G   B "C5'" 1 
ATOM   182 C  "C4'" . G   B 2 1 ? 2.044   13.304  -11.140 1.00 77.25 ? 10  G   B "C4'" 1 
ATOM   183 O  "O4'" . G   B 2 1 ? 3.450   13.683  -11.094 1.00 75.10 ? 10  G   B "O4'" 1 
ATOM   184 C  "C3'" . G   B 2 1 ? 2.056   11.791  -11.283 1.00 76.01 ? 10  G   B "C3'" 1 
ATOM   185 O  "O3'" . G   B 2 1 ? 0.868   11.328  -11.907 1.00 76.32 ? 10  G   B "O3'" 1 
ATOM   186 C  "C2'" . G   B 2 1 ? 3.298   11.571  -12.134 1.00 75.86 ? 10  G   B "C2'" 1 
ATOM   187 O  "O2'" . G   B 2 1 ? 3.103   11.876  -13.503 1.00 75.44 ? 10  G   B "O2'" 1 
ATOM   188 C  "C1'" . G   B 2 1 ? 4.250   12.588  -11.505 1.00 73.45 ? 10  G   B "C1'" 1 
ATOM   189 N  N9    . G   B 2 1 ? 4.902   12.048  -10.315 1.00 71.35 ? 10  G   B N9    1 
ATOM   190 C  C8    . G   B 2 1 ? 4.839   12.549  -9.036  1.00 70.19 ? 10  G   B C8    1 
ATOM   191 N  N7    . G   B 2 1 ? 5.531   11.849  -8.177  1.00 68.73 ? 10  G   B N7    1 
ATOM   192 C  C5    . G   B 2 1 ? 6.084   10.825  -8.933  1.00 68.58 ? 10  G   B C5    1 
ATOM   193 C  C6    . G   B 2 1 ? 6.927   9.763   -8.551  1.00 67.71 ? 10  G   B C6    1 
ATOM   194 O  O6    . G   B 2 1 ? 7.380   9.508   -7.431  1.00 68.68 ? 10  G   B O6    1 
ATOM   195 N  N1    . G   B 2 1 ? 7.247   8.947   -9.629  1.00 67.77 ? 10  G   B N1    1 
ATOM   196 C  C2    . G   B 2 1 ? 6.812   9.128   -10.917 1.00 68.11 ? 10  G   B C2    1 
ATOM   197 N  N2    . G   B 2 1 ? 7.227   8.221   -11.812 1.00 66.81 ? 10  G   B N2    1 
ATOM   198 N  N3    . G   B 2 1 ? 6.025   10.122  -11.294 1.00 69.23 ? 10  G   B N3    1 
ATOM   199 C  C4    . G   B 2 1 ? 5.702   10.928  -10.255 1.00 70.35 ? 10  G   B C4    1 
ATOM   200 P  P     . A   B 2 2 ? 0.021   10.142  -11.223 1.00 77.45 ? 11  A   B P     1 
ATOM   201 O  OP1   . A   B 2 2 ? -1.346  10.195  -11.816 1.00 75.99 ? 11  A   B OP1   1 
ATOM   202 O  OP2   . A   B 2 2 ? 0.195   10.190  -9.740  1.00 75.28 ? 11  A   B OP2   1 
ATOM   203 O  "O5'" . A   B 2 2 ? 0.726   8.828   -11.759 1.00 72.18 ? 11  A   B "O5'" 1 
ATOM   204 C  "C5'" . A   B 2 2 ? 1.014   8.701   -13.137 1.00 66.72 ? 11  A   B "C5'" 1 
ATOM   205 C  "C4'" . A   B 2 2 ? 2.127   7.723   -13.327 1.00 63.27 ? 11  A   B "C4'" 1 
ATOM   206 O  "O4'" . A   B 2 2 ? 3.283   8.206   -12.598 1.00 60.71 ? 11  A   B "O4'" 1 
ATOM   207 C  "C3'" . A   B 2 2 ? 1.884   6.360   -12.706 1.00 61.19 ? 11  A   B "C3'" 1 
ATOM   208 O  "O3'" . A   B 2 2 ? 1.064   5.553   -13.539 1.00 66.21 ? 11  A   B "O3'" 1 
ATOM   209 C  "C2'" . A   B 2 2 ? 3.303   5.836   -12.584 1.00 56.55 ? 11  A   B "C2'" 1 
ATOM   210 O  "O2'" . A   B 2 2 ? 3.846   5.465   -13.833 1.00 57.35 ? 11  A   B "O2'" 1 
ATOM   211 C  "C1'" . A   B 2 2 ? 4.035   7.099   -12.139 1.00 53.68 ? 11  A   B "C1'" 1 
ATOM   212 N  N9    . A   B 2 2 ? 4.233   7.213   -10.697 1.00 47.32 ? 11  A   B N9    1 
ATOM   213 C  C8    . A   B 2 2 ? 3.747   8.129   -9.795  1.00 43.46 ? 11  A   B C8    1 
ATOM   214 N  N7    . A   B 2 2 ? 4.221   7.971   -8.580  1.00 42.39 ? 11  A   B N7    1 
ATOM   215 C  C5    . A   B 2 2 ? 5.055   6.864   -8.687  1.00 42.31 ? 11  A   B C5    1 
ATOM   216 C  C6    . A   B 2 2 ? 5.892   6.199   -7.764  1.00 41.91 ? 11  A   B C6    1 
ATOM   217 N  N6    . A   B 2 2 ? 6.036   6.555   -6.480  1.00 38.34 ? 11  A   B N6    1 
ATOM   218 N  N1    . A   B 2 2 ? 6.606   5.139   -8.218  1.00 43.57 ? 11  A   B N1    1 
ATOM   219 C  C2    . A   B 2 2 ? 6.488   4.781   -9.505  1.00 43.42 ? 11  A   B C2    1 
ATOM   220 N  N3    . A   B 2 2 ? 5.742   5.326   -10.463 1.00 43.76 ? 11  A   B N3    1 
ATOM   221 C  C4    . A   B 2 2 ? 5.049   6.377   -9.982  1.00 44.56 ? 11  A   B C4    1 
ATOM   222 P  P     . A   B 2 3 ? -0.072  4.634   -12.871 1.00 72.87 ? 12  A   B P     1 
ATOM   223 O  OP1   . A   B 2 3 ? -1.013  4.187   -13.934 1.00 73.79 ? 12  A   B OP1   1 
ATOM   224 O  OP2   . A   B 2 3 ? -0.603  5.363   -11.689 1.00 72.25 ? 12  A   B OP2   1 
ATOM   225 O  "O5'" . A   B 2 3 ? 0.753   3.373   -12.348 1.00 70.37 ? 12  A   B "O5'" 1 
ATOM   226 C  "C5'" . A   B 2 3 ? 1.791   2.813   -13.143 1.00 67.05 ? 12  A   B "C5'" 1 
ATOM   227 C  "C4'" . A   B 2 3 ? 2.798   2.085   -12.277 1.00 66.43 ? 12  A   B "C4'" 1 
ATOM   228 O  "O4'" . A   B 2 3 ? 3.465   3.009   -11.378 1.00 64.29 ? 12  A   B "O4'" 1 
ATOM   229 C  "C3'" . A   B 2 3 ? 2.253   1.050   -11.311 1.00 66.24 ? 12  A   B "C3'" 1 
ATOM   230 O  "O3'" . A   B 2 3 ? 1.933   -0.168  -11.959 1.00 68.09 ? 12  A   B "O3'" 1 
ATOM   231 C  "C2'" . A   B 2 3 ? 3.416   0.869   -10.337 1.00 64.20 ? 12  A   B "C2'" 1 
ATOM   232 O  "O2'" . A   B 2 3 ? 4.409   -0.022  -10.798 1.00 64.97 ? 12  A   B "O2'" 1 
ATOM   233 C  "C1'" . A   B 2 3 ? 4.012   2.276   -10.301 1.00 59.97 ? 12  A   B "C1'" 1 
ATOM   234 N  N9    . A   B 2 3 ? 3.802   2.992   -9.048  1.00 54.71 ? 12  A   B N9    1 
ATOM   235 C  C8    . A   B 2 3 ? 2.998   4.066   -8.764  1.00 54.20 ? 12  A   B C8    1 
ATOM   236 N  N7    . A   B 2 3 ? 3.107   4.489   -7.522  1.00 53.59 ? 12  A   B N7    1 
ATOM   237 C  C5    . A   B 2 3 ? 4.029   3.615   -6.952  1.00 50.24 ? 12  A   B C5    1 
ATOM   238 C  C6    . A   B 2 3 ? 4.578   3.516   -5.659  1.00 48.06 ? 12  A   B C6    1 
ATOM   239 N  N6    . A   B 2 3 ? 4.229   4.298   -4.637  1.00 44.64 ? 12  A   B N6    1 
ATOM   240 N  N1    . A   B 2 3 ? 5.504   2.558   -5.443  1.00 47.93 ? 12  A   B N1    1 
ATOM   241 C  C2    . A   B 2 3 ? 5.825   1.742   -6.447  1.00 48.91 ? 12  A   B C2    1 
ATOM   242 N  N3    . A   B 2 3 ? 5.361   1.716   -7.689  1.00 49.97 ? 12  A   B N3    1 
ATOM   243 C  C4    . A   B 2 3 ? 4.460   2.692   -7.880  1.00 50.78 ? 12  A   B C4    1 
ATOM   244 P  P     . G   B 2 4 ? 0.727   -1.060  -11.388 1.00 73.65 ? 13  G   B P     1 
ATOM   245 O  OP1   . G   B 2 4 ? 0.269   -1.950  -12.490 1.00 73.27 ? 13  G   B OP1   1 
ATOM   246 O  OP2   . G   B 2 4 ? -0.241  -0.142  -10.720 1.00 71.66 ? 13  G   B OP2   1 
ATOM   247 O  "O5'" . G   B 2 4 ? 1.394   -1.940  -10.242 1.00 67.83 ? 13  G   B "O5'" 1 
ATOM   248 C  "C5'" . G   B 2 4 ? 2.512   -2.753  -10.521 1.00 65.81 ? 13  G   B "C5'" 1 
ATOM   249 C  "C4'" . G   B 2 4 ? 3.177   -3.182  -9.237  1.00 64.51 ? 13  G   B "C4'" 1 
ATOM   250 O  "O4'" . G   B 2 4 ? 3.880   -2.079  -8.610  1.00 60.66 ? 13  G   B "O4'" 1 
ATOM   251 C  "C3'" . G   B 2 4 ? 2.264   -3.663  -8.131  1.00 63.70 ? 13  G   B "C3'" 1 
ATOM   252 O  "O3'" . G   B 2 4 ? 1.816   -4.989  -8.386  1.00 70.15 ? 13  G   B "O3'" 1 
ATOM   253 C  "C2'" . G   B 2 4 ? 3.208   -3.619  -6.939  1.00 60.88 ? 13  G   B "C2'" 1 
ATOM   254 O  "O2'" . G   B 2 4 ? 4.085   -4.728  -6.938  1.00 62.02 ? 13  G   B "O2'" 1 
ATOM   255 C  "C1'" . G   B 2 4 ? 4.004   -2.339  -7.219  1.00 56.32 ? 13  G   B "C1'" 1 
ATOM   256 N  N9    . G   B 2 4 ? 3.504   -1.183  -6.475  1.00 50.48 ? 13  G   B N9    1 
ATOM   257 C  C8    . G   B 2 4 ? 2.593   -0.250  -6.910  1.00 48.69 ? 13  G   B C8    1 
ATOM   258 N  N7    . G   B 2 4 ? 2.318   0.657   -6.010  1.00 47.41 ? 13  G   B N7    1 
ATOM   259 C  C5    . G   B 2 4 ? 3.096   0.308   -4.911  1.00 43.19 ? 13  G   B C5    1 
ATOM   260 C  C6    . G   B 2 4 ? 3.223   0.933   -3.636  1.00 40.85 ? 13  G   B C6    1 
ATOM   261 O  O6    . G   B 2 4 ? 2.676   1.975   -3.219  1.00 38.19 ? 13  G   B O6    1 
ATOM   262 N  N1    . G   B 2 4 ? 4.117   0.248   -2.823  1.00 39.73 ? 13  G   B N1    1 
ATOM   263 C  C2    . G   B 2 4 ? 4.835   -0.860  -3.199  1.00 41.60 ? 13  G   B C2    1 
ATOM   264 N  N2    . G   B 2 4 ? 5.702   -1.330  -2.290  1.00 40.69 ? 13  G   B N2    1 
ATOM   265 N  N3    . G   B 2 4 ? 4.728   -1.452  -4.383  1.00 42.38 ? 13  G   B N3    1 
ATOM   266 C  C4    . G   B 2 4 ? 3.844   -0.818  -5.181  1.00 44.75 ? 13  G   B C4    1 
ATOM   267 P  P     . A   B 2 5 ? 0.920   -5.748  -7.288  1.00 72.93 ? 14  A   B P     1 
ATOM   268 O  OP1   . A   B 2 5 ? 0.504   -7.069  -7.849  1.00 71.81 ? 14  A   B OP1   1 
ATOM   269 O  OP2   . A   B 2 5 ? -0.123  -4.800  -6.801  1.00 71.26 ? 14  A   B OP2   1 
ATOM   270 O  "O5'" . A   B 2 5 ? 1.956   -6.004  -6.111  1.00 64.23 ? 14  A   B "O5'" 1 
ATOM   271 C  "C5'" . A   B 2 5 ? 1.494   -6.321  -4.828  1.00 59.85 ? 14  A   B "C5'" 1 
ATOM   272 C  "C4'" . A   B 2 5 ? 2.543   -6.005  -3.809  1.00 56.55 ? 14  A   B "C4'" 1 
ATOM   273 O  "O4'" . A   B 2 5 ? 2.897   -4.597  -3.869  1.00 53.08 ? 14  A   B "O4'" 1 
ATOM   274 C  "C3'" . A   B 2 5 ? 2.025   -6.177  -2.402  1.00 56.27 ? 14  A   B "C3'" 1 
ATOM   275 O  "O3'" . A   B 2 5 ? 2.071   -7.551  -2.065  1.00 60.21 ? 14  A   B "O3'" 1 
ATOM   276 C  "C2'" . A   B 2 5 ? 2.981   -5.307  -1.605  1.00 52.53 ? 14  A   B "C2'" 1 
ATOM   277 O  "O2'" . A   B 2 5 ? 4.201   -5.983  -1.418  1.00 52.30 ? 14  A   B "O2'" 1 
ATOM   278 C  "C1'" . A   B 2 5 ? 3.173   -4.125  -2.561  1.00 48.19 ? 14  A   B "C1'" 1 
ATOM   279 N  N9    . A   B 2 5 ? 2.291   -2.987  -2.312  1.00 45.67 ? 14  A   B N9    1 
ATOM   280 C  C8    . A   B 2 5 ? 1.407   -2.420  -3.204  1.00 45.91 ? 14  A   B C8    1 
ATOM   281 N  N7    . A   B 2 5 ? 0.793   -1.354  -2.735  1.00 44.39 ? 14  A   B N7    1 
ATOM   282 C  C5    . A   B 2 5 ? 1.294   -1.225  -1.445  1.00 41.56 ? 14  A   B C5    1 
ATOM   283 C  C6    . A   B 2 5 ? 1.065   -0.278  -0.441  1.00 41.30 ? 14  A   B C6    1 
ATOM   284 N  N6    . A   B 2 5 ? 0.255   0.780   -0.590  1.00 37.63 ? 14  A   B N6    1 
ATOM   285 N  N1    . A   B 2 5 ? 1.715   -0.441  0.734   1.00 42.13 ? 14  A   B N1    1 
ATOM   286 C  C2    . A   B 2 5 ? 2.547   -1.478  0.868   1.00 42.52 ? 14  A   B C2    1 
ATOM   287 N  N3    . A   B 2 5 ? 2.862   -2.419  -0.013  1.00 43.83 ? 14  A   B N3    1 
ATOM   288 C  C4    . A   B 2 5 ? 2.196   -2.234  -1.163  1.00 42.55 ? 14  A   B C4    1 
ATOM   289 P  P     . A   B 2 6 ? 0.744   -8.270  -1.521  1.00 61.78 ? 15  A   B P     1 
ATOM   290 O  OP1   . A   B 2 6 ? 0.874   -9.720  -1.773  1.00 62.09 ? 15  A   B OP1   1 
ATOM   291 O  OP2   . A   B 2 6 ? -0.415  -7.527  -2.085  1.00 61.25 ? 15  A   B OP2   1 
ATOM   292 O  "O5'" . A   B 2 6 ? 0.829   -8.023  0.049   1.00 57.38 ? 15  A   B "O5'" 1 
ATOM   293 C  "C5'" . A   B 2 6 ? 2.007   -8.368  0.760   1.00 54.48 ? 15  A   B "C5'" 1 
ATOM   294 C  "C4'" . A   B 2 6 ? 2.050   -7.648  2.084   1.00 54.75 ? 15  A   B "C4'" 1 
ATOM   295 O  "O4'" . A   B 2 6 ? 2.347   -6.236  1.917   1.00 52.59 ? 15  A   B "O4'" 1 
ATOM   296 C  "C3'" . A   B 2 6 ? 0.755   -7.639  2.868   1.00 54.19 ? 15  A   B "C3'" 1 
ATOM   297 O  "O3'" . A   B 2 6 ? 0.613   -8.872  3.531   1.00 56.78 ? 15  A   B "O3'" 1 
ATOM   298 C  "C2'" . A   B 2 6 ? 1.008   -6.513  3.858   1.00 52.38 ? 15  A   B "C2'" 1 
ATOM   299 O  "O2'" . A   B 2 6 ? 1.873   -6.936  4.893   1.00 55.75 ? 15  A   B "O2'" 1 
ATOM   300 C  "C1'" . A   B 2 6 ? 1.746   -5.506  2.976   1.00 47.22 ? 15  A   B "C1'" 1 
ATOM   301 N  N9    . A   B 2 6 ? 0.860   -4.519  2.385   1.00 40.52 ? 15  A   B N9    1 
ATOM   302 C  C8    . A   B 2 6 ? 0.410   -4.495  1.097   1.00 41.09 ? 15  A   B C8    1 
ATOM   303 N  N7    . A   B 2 6 ? -0.346  -3.455  0.819   1.00 40.61 ? 15  A   B N7    1 
ATOM   304 C  C5    . A   B 2 6 ? -0.397  -2.756  2.012   1.00 37.54 ? 15  A   B C5    1 
ATOM   305 C  C6    . A   B 2 6 ? -1.014  -1.564  2.360   1.00 36.09 ? 15  A   B C6    1 
ATOM   306 N  N6    . A   B 2 6 ? -1.732  -0.831  1.495   1.00 38.18 ? 15  A   B N6    1 
ATOM   307 N  N1    . A   B 2 6 ? -0.874  -1.134  3.626   1.00 33.87 ? 15  A   B N1    1 
ATOM   308 C  C2    . A   B 2 6 ? -0.158  -1.871  4.479   1.00 35.56 ? 15  A   B C2    1 
ATOM   309 N  N3    . A   B 2 6 ? 0.476   -3.017  4.271   1.00 37.68 ? 15  A   B N3    1 
ATOM   310 C  C4    . A   B 2 6 ? 0.323   -3.408  2.993   1.00 39.04 ? 15  A   B C4    1 
ATOM   311 P  P     . G   B 2 7 ? -0.853  -9.463  3.805   1.00 61.69 ? 16  G   B P     1 
ATOM   312 O  OP1   . G   B 2 7 ? -0.540  -10.829 4.319   1.00 62.65 ? 16  G   B OP1   1 
ATOM   313 O  OP2   . G   B 2 7 ? -1.746  -9.312  2.619   1.00 54.90 ? 16  G   B OP2   1 
ATOM   314 O  "O5'" . G   B 2 7 ? -1.385  -8.538  4.991   1.00 56.03 ? 16  G   B "O5'" 1 
ATOM   315 C  "C5'" . G   B 2 7 ? -0.737  -8.550  6.251   1.00 56.16 ? 16  G   B "C5'" 1 
ATOM   316 C  "C4'" . G   B 2 7 ? -1.044  -7.292  7.019   1.00 58.83 ? 16  G   B "C4'" 1 
ATOM   317 O  "O4'" . G   B 2 7 ? -0.750  -6.131  6.193   1.00 58.32 ? 16  G   B "O4'" 1 
ATOM   318 C  "C3'" . G   B 2 7 ? -2.497  -7.044  7.371   1.00 61.58 ? 16  G   B "C3'" 1 
ATOM   319 O  "O3'" . G   B 2 7 ? -2.941  -7.801  8.476   1.00 62.42 ? 16  G   B "O3'" 1 
ATOM   320 C  "C2'" . G   B 2 7 ? -2.475  -5.565  7.713   1.00 61.85 ? 16  G   B "C2'" 1 
ATOM   321 O  "O2'" . G   B 2 7 ? -1.927  -5.335  8.996   1.00 65.85 ? 16  G   B "O2'" 1 
ATOM   322 C  "C1'" . G   B 2 7 ? -1.536  -5.033  6.633   1.00 58.22 ? 16  G   B "C1'" 1 
ATOM   323 N  N9    . G   B 2 7 ? -2.295  -4.507  5.507   1.00 57.19 ? 16  G   B N9    1 
ATOM   324 C  C8    . G   B 2 7 ? -2.377  -5.002  4.223   1.00 56.87 ? 16  G   B C8    1 
ATOM   325 N  N7    . G   B 2 7 ? -3.122  -4.268  3.436   1.00 55.54 ? 16  G   B N7    1 
ATOM   326 C  C5    . G   B 2 7 ? -3.564  -3.230  4.253   1.00 55.87 ? 16  G   B C5    1 
ATOM   327 C  C6    . G   B 2 7 ? -4.394  -2.105  3.960   1.00 55.34 ? 16  G   B C6    1 
ATOM   328 O  O6    . G   B 2 7 ? -4.902  -1.772  2.877   1.00 55.30 ? 16  G   B O6    1 
ATOM   329 N  N1    . G   B 2 7 ? -4.602  -1.321  5.089   1.00 54.89 ? 16  G   B N1    1 
ATOM   330 C  C2    . G   B 2 7 ? -4.074  -1.568  6.337   1.00 55.99 ? 16  G   B C2    1 
ATOM   331 N  N2    . G   B 2 7 ? -4.396  -0.687  7.299   1.00 56.32 ? 16  G   B N2    1 
ATOM   332 N  N3    . G   B 2 7 ? -3.289  -2.598  6.622   1.00 55.87 ? 16  G   B N3    1 
ATOM   333 C  C4    . G   B 2 7 ? -3.076  -3.379  5.540   1.00 56.68 ? 16  G   B C4    1 
ATOM   334 P  P     . A   B 2 8 ? -4.515  -8.039  8.671   1.00 64.97 ? 17  A   B P     1 
ATOM   335 O  OP1   . A   B 2 8 ? -4.697  -8.946  9.840   1.00 64.55 ? 17  A   B OP1   1 
ATOM   336 O  OP2   . A   B 2 8 ? -5.082  -8.423  7.344   1.00 62.82 ? 17  A   B OP2   1 
ATOM   337 O  "O5'" . A   B 2 8 ? -5.070  -6.593  9.050   1.00 61.45 ? 17  A   B "O5'" 1 
ATOM   338 C  "C5'" . A   B 2 8 ? -4.668  -5.942  10.250  1.00 61.11 ? 17  A   B "C5'" 1 
ATOM   339 C  "C4'" . A   B 2 8 ? -5.437  -4.649  10.419  1.00 62.72 ? 17  A   B "C4'" 1 
ATOM   340 O  "O4'" . A   B 2 8 ? -5.161  -3.772  9.288   1.00 62.65 ? 17  A   B "O4'" 1 
ATOM   341 C  "C3'" . A   B 2 8 ? -6.947  -4.795  10.404  1.00 62.97 ? 17  A   B "C3'" 1 
ATOM   342 O  "O3'" . A   B 2 8 ? -7.440  -5.137  11.711  1.00 64.76 ? 17  A   B "O3'" 1 
ATOM   343 C  "C2'" . A   B 2 8 ? -7.401  -3.409  9.975   1.00 61.65 ? 17  A   B "C2'" 1 
ATOM   344 O  "O2'" . A   B 2 8 ? -7.341  -2.493  11.042  1.00 63.39 ? 17  A   B "O2'" 1 
ATOM   345 C  "C1'" . A   B 2 8 ? -6.329  -3.042  8.950   1.00 59.17 ? 17  A   B "C1'" 1 
ATOM   346 N  N9    . A   B 2 8 ? -6.679  -3.353  7.561   1.00 56.68 ? 17  A   B N9    1 
ATOM   347 C  C8    . A   B 2 8 ? -6.410  -4.499  6.856   1.00 55.15 ? 17  A   B C8    1 
ATOM   348 N  N7    . A   B 2 8 ? -6.790  -4.449  5.600   1.00 54.14 ? 17  A   B N7    1 
ATOM   349 C  C5    . A   B 2 8 ? -7.367  -3.193  5.474   1.00 53.20 ? 17  A   B C5    1 
ATOM   350 C  C6    . A   B 2 8 ? -7.965  -2.522  4.381   1.00 52.54 ? 17  A   B C6    1 
ATOM   351 N  N6    . A   B 2 8 ? -8.093  -3.047  3.157   1.00 49.43 ? 17  A   B N6    1 
ATOM   352 N  N1    . A   B 2 8 ? -8.442  -1.277  4.598   1.00 52.19 ? 17  A   B N1    1 
ATOM   353 C  C2    . A   B 2 8 ? -8.335  -0.754  5.828   1.00 52.68 ? 17  A   B C2    1 
ATOM   354 N  N3    . A   B 2 8 ? -7.801  -1.284  6.929   1.00 53.83 ? 17  A   B N3    1 
ATOM   355 C  C4    . A   B 2 8 ? -7.325  -2.516  6.680   1.00 54.30 ? 17  A   B C4    1 
ATOM   356 P  P     A A   B 2 9 ? -8.962  -5.815  11.881  0.50 62.83 ? 18  A   B P     1 
ATOM   357 P  P     B A   B 2 9 ? -8.622  -6.393  11.850  0.50 67.79 ? 18  A   B P     1 
ATOM   358 O  OP1   A A   B 2 9 ? -9.222  -6.099  13.322  0.50 60.51 ? 18  A   B OP1   1 
ATOM   359 O  OP1   B A   B 2 9 ? -8.111  -7.705  11.377  0.50 64.30 ? 18  A   B OP1   1 
ATOM   360 O  OP2   A A   B 2 9 ? -9.174  -6.891  10.872  0.50 61.98 ? 18  A   B OP2   1 
ATOM   361 O  OP2   B A   B 2 9 ? -9.845  -5.798  11.223  0.50 68.20 ? 18  A   B OP2   1 
ATOM   362 O  "O5'" A A   B 2 9 ? -9.821  -4.531  11.480  0.50 55.79 ? 18  A   B "O5'" 1 
ATOM   363 O  "O5'" B A   B 2 9 ? -8.869  -6.497  13.419  0.50 67.98 ? 18  A   B "O5'" 1 
ATOM   364 C  "C5'" A A   B 2 9 ? -9.699  -3.324  12.242  0.50 50.65 ? 18  A   B "C5'" 1 
ATOM   365 C  "C5'" B A   B 2 9 ? -8.127  -7.431  14.221  0.50 71.74 ? 18  A   B "C5'" 1 
ATOM   366 C  "C4'" A A   B 2 9 ? -10.840 -2.394  11.935  0.50 47.13 ? 18  A   B "C4'" 1 
ATOM   367 C  "C4'" B A   B 2 9 ? -8.566  -7.340  15.660  0.50 73.83 ? 18  A   B "C4'" 1 
ATOM   368 O  "O4'" A A   B 2 9 ? -10.768 -2.061  10.525  0.50 45.00 ? 18  A   B "O4'" 1 
ATOM   369 O  "O4'" B A   B 2 9 ? -8.197  -8.565  16.340  0.50 75.15 ? 18  A   B "O4'" 1 
ATOM   370 C  "C3'" A A   B 2 9 ? -12.208 -3.021  12.159  0.50 44.63 ? 18  A   B "C3'" 1 
ATOM   371 C  "C3'" B A   B 2 9 ? -7.967  -6.200  16.472  0.50 74.81 ? 18  A   B "C3'" 1 
ATOM   372 O  "O3'" A A   B 2 9 ? -13.121 -1.939  12.183  0.50 43.50 ? 18  A   B "O3'" 1 
ATOM   373 O  "O3'" B A   B 2 9 ? -8.834  -6.099  17.604  0.50 77.28 ? 18  A   B "O3'" 1 
ATOM   374 C  "C2'" A A   B 2 9 ? -12.510 -3.619  10.794  0.50 42.93 ? 18  A   B "C2'" 1 
ATOM   375 C  "C2'" B A   B 2 9 ? -6.779  -6.874  17.153  0.50 75.41 ? 18  A   B "C2'" 1 
ATOM   376 O  "O2'" A A   B 2 9 ? -13.884 -3.830  10.578  0.50 41.45 ? 18  A   B "O2'" 1 
ATOM   377 O  "O2'" B A   B 2 9 ? -6.378  -6.229  18.350  0.50 75.21 ? 18  A   B "O2'" 1 
ATOM   378 C  "C1'" A A   B 2 9 ? -11.887 -2.585  9.852   0.50 42.12 ? 18  A   B "C1'" 1 
ATOM   379 C  "C1'" B A   B 2 9 ? -7.328  -8.276  17.413  0.50 75.49 ? 18  A   B "C1'" 1 
ATOM   380 N  N9    A A   B 2 9 ? -11.410 -3.177  8.607   0.50 40.05 ? 18  A   B N9    1 
ATOM   381 N  N9    B A   B 2 9 ? -6.308  -9.323  17.450  0.50 75.55 ? 18  A   B N9    1 
ATOM   382 C  C8    A A   B 2 9 ? -10.691 -4.335  8.468   0.50 40.04 ? 18  A   B C8    1 
ATOM   383 C  C8    B A   B 2 9 ? -5.007  -9.242  17.879  0.50 75.09 ? 18  A   B C8    1 
ATOM   384 N  N7    A A   B 2 9 ? -10.427 -4.647  7.219   0.50 39.68 ? 18  A   B N7    1 
ATOM   385 N  N7    B A   B 2 9 ? -4.347  -10.369 17.767  0.50 75.27 ? 18  A   B N7    1 
ATOM   386 C  C5    A A   B 2 9 ? -11.011 -3.618  6.489   0.50 37.88 ? 18  A   B C5    1 
ATOM   387 C  C5    B A   B 2 9 ? -5.275  -11.250 17.231  0.50 75.40 ? 18  A   B C5    1 
ATOM   388 C  C6    A A   B 2 9 ? -11.087 -3.367  5.115   0.50 36.39 ? 18  A   B C6    1 
ATOM   389 C  C6    B A   B 2 9 ? -5.198  -12.606 16.872  0.50 75.68 ? 18  A   B C6    1 
ATOM   390 N  N6    A A   B 2 9 ? -10.555 -4.172  4.188   0.50 35.78 ? 18  A   B N6    1 
ATOM   391 N  N6    B A   B 2 9 ? -4.092  -13.343 17.005  0.50 75.78 ? 18  A   B N6    1 
ATOM   392 N  N1    A A   B 2 9 ? -11.729 -2.257  4.715   0.50 35.15 ? 18  A   B N1    1 
ATOM   393 N  N1    B A   B 2 9 ? -6.312  -13.190 16.367  0.50 75.81 ? 18  A   B N1    1 
ATOM   394 C  C2    A A   B 2 9 ? -12.251 -1.457  5.639   0.50 36.50 ? 18  A   B C2    1 
ATOM   395 C  C2    B A   B 2 9 ? -7.419  -12.450 16.238  0.50 75.16 ? 18  A   B C2    1 
ATOM   396 N  N3    A A   B 2 9 ? -12.248 -1.583  6.967   0.50 37.43 ? 18  A   B N3    1 
ATOM   397 N  N3    B A   B 2 9 ? -7.615  -11.169 16.538  0.50 75.00 ? 18  A   B N3    1 
ATOM   398 C  C4    A A   B 2 9 ? -11.607 -2.701  7.330   0.50 38.41 ? 18  A   B C4    1 
ATOM   399 C  C4    B A   B 2 9 ? -6.490  -10.621 17.035  0.50 75.43 ? 18  A   B C4    1 
HETATM 400 CO CO    . 3CO C 3 . ? 1.095   -9.972  9.788   0.50 89.18 ? 21  3CO B CO    1 
HETATM 401 CO CO    . 3CO D 3 . ? -3.713  -7.644  -4.788  0.50 66.41 ? 22  3CO B CO    1 
HETATM 402 N  N1    A SPM E 4 . ? -1.773  -11.660 -3.261  0.50 82.69 ? 521 SPM B N1    1 
HETATM 403 N  N1    B SPM E 4 . ? 1.953   -12.348 0.099   0.50 81.61 ? 521 SPM B N1    1 
HETATM 404 C  C2    A SPM E 4 . ? -1.147  -12.245 -2.040  0.50 82.93 ? 521 SPM B C2    1 
HETATM 405 C  C2    B SPM E 4 . ? 2.033   -12.665 -1.350  0.50 81.86 ? 521 SPM B C2    1 
HETATM 406 C  C3    A SPM E 4 . ? -0.312  -13.466 -2.385  0.50 82.80 ? 521 SPM B C3    1 
HETATM 407 C  C3    B SPM E 4 . ? 0.665   -12.988 -1.932  0.50 82.22 ? 521 SPM B C3    1 
HETATM 408 C  C4    . SPM E 4 . ? 0.728   -13.133 -3.453  1.00 82.98 ? 521 SPM B C4    1 
HETATM 409 N  N5    . SPM E 4 . ? 1.483   -14.318 -3.882  1.00 83.84 ? 521 SPM B N5    1 
HETATM 410 C  C6    . SPM E 4 . ? 2.734   -13.954 -4.553  1.00 83.10 ? 521 SPM B C6    1 
HETATM 411 C  C7    . SPM E 4 . ? 2.518   -13.134 -5.820  1.00 83.25 ? 521 SPM B C7    1 
HETATM 412 C  C8    . SPM E 4 . ? 1.655   -13.874 -6.826  1.00 84.54 ? 521 SPM B C8    1 
HETATM 413 C  C9    . SPM E 4 . ? 1.599   -13.136 -8.160  1.00 85.43 ? 521 SPM B C9    1 
HETATM 414 N  N10   . SPM E 4 . ? 0.906   -13.921 -9.177  1.00 86.04 ? 521 SPM B N10   1 
HETATM 415 C  C11   . SPM E 4 . ? 1.394   -13.592 -10.517 1.00 87.21 ? 521 SPM B C11   1 
HETATM 416 C  C12   . SPM E 4 . ? 2.871   -13.966 -10.723 1.00 88.17 ? 521 SPM B C12   1 
HETATM 417 C  C13   . SPM E 4 . ? 3.280   -13.847 -12.200 1.00 88.21 ? 521 SPM B C13   1 
HETATM 418 N  N14   . SPM E 4 . ? 4.706   -14.214 -12.441 1.00 88.04 ? 521 SPM B N14   1 
HETATM 419 O  O     A HOH F 5 . ? 17.327  2.631   -1.058  0.50 68.64 ? 25  HOH A O     1 
HETATM 420 O  O     . HOH F 5 . ? 12.219  1.786   6.503   1.00 61.65 ? 26  HOH A O     1 
HETATM 421 O  O     . HOH F 5 . ? 13.689  5.849   0.458   1.00 63.65 ? 32  HOH A O     1 
HETATM 422 O  O     . HOH F 5 . ? 9.588   1.704   -10.999 1.00 47.95 ? 33  HOH A O     1 
HETATM 423 O  O     B HOH F 5 . ? -4.790  5.772   1.460   0.50 53.38 ? 37  HOH A O     1 
HETATM 424 O  O     . HOH F 5 . ? 17.277  3.982   -2.946  1.00 59.64 ? 38  HOH A O     1 
HETATM 425 O  O     . HOH G 5 . ? 4.685   8.269   -3.563  1.00 65.70 ? 23  HOH B O     1 
HETATM 426 O  O     . HOH G 5 . ? -0.624  4.704   -5.851  1.00 84.29 ? 24  HOH B O     1 
HETATM 427 O  O     . HOH G 5 . ? -0.245  -13.139 2.229   1.00 65.00 ? 27  HOH B O     1 
HETATM 428 O  O     . HOH G 5 . ? 5.564   12.309  -5.125  1.00 68.40 ? 28  HOH B O     1 
HETATM 429 O  O     . HOH G 5 . ? 7.495   -0.721  -10.400 0.50 51.49 ? 29  HOH B O     1 
HETATM 430 O  O     A HOH G 5 . ? -0.881  -4.841  -9.303  0.50 43.52 ? 30  HOH B O     1 
HETATM 431 O  O     . HOH G 5 . ? 1.606   -12.323 6.302   0.50 59.29 ? 31  HOH B O     1 
HETATM 432 O  O     . HOH G 5 . ? -5.056  -2.433  -0.411  1.00 56.33 ? 34  HOH B O     1 
HETATM 433 O  O     B HOH G 5 . ? -2.170  -5.081  -10.354 0.50 41.40 ? 36  HOH B O     1 
HETATM 434 O  O     . HOH G 5 . ? -1.893  6.850   -15.086 0.50 51.63 ? 39  HOH B O     1 
HETATM 435 O  O     . HOH G 5 . ? -2.634  -1.999  -1.183  1.00 59.07 ? 40  HOH B O     1 
# 
